data_9M55
#
_entry.id   9M55
#
_cell.length_a   1.00
_cell.length_b   1.00
_cell.length_c   1.00
_cell.angle_alpha   90.00
_cell.angle_beta   90.00
_cell.angle_gamma   90.00
#
_symmetry.space_group_name_H-M   'P 1'
#
loop_
_entity.id
_entity.type
_entity.pdbx_description
1 polymer 'G-protein subunit alpha'
2 polymer 'Guanine nucleotide-binding protein G(I)/G(S)/G(T) subunit beta-1'
3 polymer 'G-protein gamma subunit'
4 polymer 'octopamine b2 receptor'
5 polymer 'single chain Fv 16'
6 non-polymer "~{N}'-(2,4-dimethylphenyl)-~{N}-methyl-methanimidamide"
#
loop_
_entity_poly.entity_id
_entity_poly.type
_entity_poly.pdbx_seq_one_letter_code
_entity_poly.pdbx_strand_id
1 'polypeptide(L)'
;MKDHLIHNHHKHEHAHAEHLYFQGSSGSSGMASTLSAEDKAAVERSKMIEKQIQKDKQIYRATHRLLLLGAGESGKNTIV
KQMRILHVNGFSEEEKKQKIEDIKKNIRDAILTITGAMSTLVPPVQLQKSENQWRVDYIQDVASSPDFDYPAEFYEHTEI
LWKDKGVQAAFERSNEYQLIDCAKYFLDRVATIKQLDYTPNEQDILRCRVLTSGIFETKFQVDKVNFHMFDVGAQRDERR
KWIQCFNDVTAIIFVTACSSYNMVLREDPNQNRLRASLKLFDSIWNNKWLRDTSVILFLNKQDLLAEKIKAGKSRLEEYF
PEFAHYQTPSDAVIETGEDPEVIRAKYFIRDEFLRISTASGDGKHYCYPHFTCSVDTENIRRVFNDCRDIIQRMHLRQYE
LL
;
A
2 'polypeptide(L)'
;MDYKDDDDKENLYFQGGSMSELDQLRQEAEQLKNQIRDARKACADATLSQITNNIDPVGRIQMRTRRTLRGHLAKIYAMH
WGTDSRLLVSASQDGKLIIWDSYTTNKVHAIPLRSSWVMTCAYAPSGNYVACGGLDNICSIYNLKTREGNVRVSRELAGH
TGYLSCCRFLDDNQIVTSSGDTTCALWDIETGQQTTTFTGHTGDVMSLSLAPDTRLFVSGACDASAKLWDVREGMCRQTF
TGHESDINAICFFPNGNAFATGSDDATCRLFDLRADQELMTYSHDNIICGITSVSFSKSGRLLLAGYDDFNCNVWDALKA
DRAGVLAGHDNRVSCLGVTDDGMAVATGSWDSFLKIWN
;
B
3 'polypeptide(L)'
;MSYYHHHHHHDYDIPTTENLYFQGAMGSMASNNTASIAQARKLVEQLKMEANIDRIKVSKAAADLMAYCEAHAKEDPLLT
PVPASENPFREKKFFSAIL
;
G
4 'polypeptide(L)'
;MKTIIALSYIFCLVFADYKDDDDKENLYFQGMTVAAPNASLANLTEEAQADDESWESVLKLVLKTLALVTIISSAVFGNL
LVVTSVIRHHKLRITTNYFIVSLALADTLVALFAMTFNASVTISGRWLFNQTVCDFWNSCDVLFSTASIMHLCCISVDRY
YAIIKPLEYPTKITGRTVAIMLTCAWVSSGLISFIPIFLGWYTTNEHLVYKVEHPDECIFVVNKPYAIISSSVSFWIPCC
IMLFTYWRIYVEATRQEKMLCKSQMGPGMLCRNSTDQSMPNVHAPPHRNSHGDDPESGQSTPTKRTINKMKREHKAAKTL
GIIMGAFILCWLPFFLWYVSITMCGDACPCPELVVDLLFWIGYLNSSLNPVIYAYFNREFRQAFKETLQAIFCSSRCSSC
ATGSRQTGGRPPGRTHHHHHHHHHH
;
R
5 'polypeptide(L)'
;MKDHLIHNHHKHEHAHAEHLYFQGSSGSSGDVQLVESGGGLVQPGGSRKLSCSASGFAFSSFGMHWVRQAPEKGLEWVAY
ISSGSGTIYYADTVKGRFTISRDDPKNTLFLQMTSLRSEDTAMYYCVRSIYYYGSSPFDFWGQGTTLTVSSGGGGSGGGG
SGGGGSDIVMTQATSSVPVTPGESVSISCRSSKSLLHSNGNTYLYWFLQRPGQSPQLLIYRMSNLASGVPDRFSGSGSGT
AFTLTISRLEAEDVGVYYCMQHLEYPLTFGAGTKLELKSAWSHPQFEKGGGSGGGSGGSAWSHPQFEK
;
S
#
# COMPACT_ATOMS: atom_id res chain seq x y z
N SER A 36 11.36 21.08 -13.53
CA SER A 36 11.00 19.83 -12.89
C SER A 36 12.12 18.79 -13.02
N ALA A 37 13.36 19.28 -12.96
CA ALA A 37 14.50 18.37 -13.06
C ALA A 37 14.55 17.41 -11.88
N GLU A 38 14.31 17.92 -10.66
CA GLU A 38 14.32 17.05 -9.49
C GLU A 38 13.05 16.22 -9.37
N ASP A 39 12.00 16.56 -10.11
CA ASP A 39 10.80 15.73 -10.11
C ASP A 39 11.10 14.35 -10.70
N LYS A 40 11.94 14.30 -11.75
CA LYS A 40 12.34 13.02 -12.32
C LYS A 40 13.13 12.19 -11.32
N ALA A 41 14.02 12.84 -10.56
CA ALA A 41 14.77 12.12 -9.54
C ALA A 41 13.85 11.61 -8.43
N ALA A 42 12.85 12.41 -8.05
CA ALA A 42 11.88 11.96 -7.05
C ALA A 42 11.10 10.76 -7.57
N VAL A 43 10.72 10.79 -8.86
CA VAL A 43 10.01 9.65 -9.45
C VAL A 43 10.90 8.42 -9.46
N GLU A 44 12.19 8.59 -9.75
CA GLU A 44 13.12 7.46 -9.71
C GLU A 44 13.25 6.89 -8.31
N ARG A 45 13.31 7.76 -7.30
CA ARG A 45 13.36 7.30 -5.91
C ARG A 45 12.10 6.55 -5.55
N SER A 46 10.93 7.05 -5.98
CA SER A 46 9.69 6.34 -5.75
C SER A 46 9.67 4.99 -6.44
N LYS A 47 10.24 4.91 -7.64
CA LYS A 47 10.33 3.63 -8.35
C LYS A 47 11.23 2.65 -7.61
N MET A 48 12.35 3.13 -7.06
CA MET A 48 13.20 2.25 -6.26
C MET A 48 12.47 1.77 -5.01
N ILE A 49 11.71 2.66 -4.37
CA ILE A 49 10.92 2.28 -3.21
C ILE A 49 9.88 1.23 -3.60
N GLU A 50 9.28 1.39 -4.78
CA GLU A 50 8.31 0.41 -5.27
C GLU A 50 8.96 -0.94 -5.53
N LYS A 51 10.17 -0.95 -6.08
CA LYS A 51 10.88 -2.20 -6.30
C LYS A 51 11.18 -2.90 -4.97
N GLN A 52 11.63 -2.13 -3.98
CA GLN A 52 11.88 -2.70 -2.66
C GLN A 52 10.58 -3.23 -2.05
N ILE A 53 9.47 -2.51 -2.26
CA ILE A 53 8.18 -2.95 -1.75
C ILE A 53 7.75 -4.25 -2.42
N GLN A 54 8.02 -4.38 -3.72
CA GLN A 54 7.69 -5.62 -4.42
C GLN A 54 8.52 -6.79 -3.91
N LYS A 55 9.81 -6.56 -3.65
CA LYS A 55 10.64 -7.61 -3.06
C LYS A 55 10.11 -8.00 -1.68
N ASP A 56 9.74 -7.01 -0.87
CA ASP A 56 9.19 -7.29 0.45
C ASP A 56 7.87 -8.04 0.36
N LYS A 57 7.05 -7.73 -0.64
CA LYS A 57 5.78 -8.42 -0.81
C LYS A 57 5.99 -9.87 -1.24
N GLN A 58 7.01 -10.12 -2.07
CA GLN A 58 7.34 -11.49 -2.42
C GLN A 58 7.80 -12.26 -1.18
N ILE A 59 8.64 -11.63 -0.36
CA ILE A 59 9.09 -12.29 0.87
C ILE A 59 7.91 -12.56 1.80
N TYR A 60 7.02 -11.58 1.95
CA TYR A 60 5.87 -11.73 2.85
C TYR A 60 4.92 -12.82 2.36
N ARG A 61 4.67 -12.88 1.06
CA ARG A 61 3.82 -13.93 0.52
C ARG A 61 4.48 -15.30 0.60
N ALA A 62 5.82 -15.33 0.62
CA ALA A 62 6.53 -16.59 0.79
C ALA A 62 6.41 -17.17 2.19
N THR A 63 5.88 -16.41 3.15
CA THR A 63 5.76 -16.84 4.53
C THR A 63 4.30 -16.94 4.93
N HIS A 64 4.02 -17.80 5.92
CA HIS A 64 2.68 -17.97 6.46
C HIS A 64 2.69 -17.63 7.94
N ARG A 65 1.61 -17.02 8.41
CA ARG A 65 1.55 -16.46 9.76
C ARG A 65 0.66 -17.31 10.67
N LEU A 66 1.14 -17.53 11.89
CA LEU A 66 0.42 -18.30 12.89
C LEU A 66 0.34 -17.50 14.19
N LEU A 67 -0.76 -17.68 14.90
CA LEU A 67 -1.00 -17.01 16.18
C LEU A 67 -1.06 -18.06 17.28
N LEU A 68 -0.17 -17.95 18.26
CA LEU A 68 -0.10 -18.90 19.36
C LEU A 68 -0.79 -18.32 20.59
N LEU A 69 -1.71 -19.10 21.16
CA LEU A 69 -2.45 -18.69 22.34
C LEU A 69 -1.90 -19.41 23.58
N GLY A 70 -2.54 -19.17 24.71
CA GLY A 70 -2.13 -19.78 25.96
C GLY A 70 -1.84 -18.78 27.07
N GLY A 75 2.66 -24.91 29.04
CA GLY A 75 3.43 -25.62 28.03
C GLY A 75 3.79 -24.75 26.84
N LYS A 76 3.46 -23.46 26.93
CA LYS A 76 3.77 -22.54 25.84
C LYS A 76 5.27 -22.40 25.66
N ASN A 77 6.02 -22.32 26.76
CA ASN A 77 7.47 -22.21 26.66
C ASN A 77 8.08 -23.44 26.01
N THR A 78 7.61 -24.63 26.39
CA THR A 78 8.10 -25.85 25.76
C THR A 78 7.74 -25.90 24.29
N ILE A 79 6.53 -25.46 23.94
CA ILE A 79 6.10 -25.47 22.54
C ILE A 79 6.98 -24.54 21.71
N VAL A 80 7.23 -23.33 22.22
CA VAL A 80 8.04 -22.39 21.45
C VAL A 80 9.50 -22.84 21.39
N LYS A 81 9.99 -23.51 22.44
CA LYS A 81 11.34 -24.06 22.39
C LYS A 81 11.44 -25.16 21.34
N GLN A 82 10.43 -26.02 21.25
CA GLN A 82 10.42 -27.06 20.22
C GLN A 82 10.33 -26.44 18.83
N MET A 83 9.53 -25.38 18.68
CA MET A 83 9.44 -24.71 17.38
C MET A 83 10.78 -24.09 16.99
N ARG A 84 11.50 -23.51 17.96
CA ARG A 84 12.80 -22.93 17.66
C ARG A 84 13.78 -23.99 17.18
N ILE A 85 13.80 -25.16 17.82
CA ILE A 85 14.69 -26.23 17.44
C ILE A 85 14.01 -27.15 16.43
N SER A 213 9.16 -7.62 24.78
CA SER A 213 8.93 -8.41 25.98
C SER A 213 7.46 -8.77 26.11
N GLY A 214 6.58 -7.85 25.71
CA GLY A 214 5.15 -8.11 25.80
C GLY A 214 4.71 -9.24 24.87
N ILE A 215 5.23 -9.25 23.64
CA ILE A 215 4.89 -10.27 22.66
C ILE A 215 6.18 -10.89 22.14
N PHE A 216 6.04 -12.08 21.55
CA PHE A 216 7.16 -12.82 20.98
C PHE A 216 6.89 -13.07 19.51
N GLU A 217 7.80 -12.62 18.65
CA GLU A 217 7.72 -12.86 17.22
C GLU A 217 8.87 -13.76 16.80
N THR A 218 8.54 -14.87 16.14
CA THR A 218 9.53 -15.87 15.78
C THR A 218 9.44 -16.21 14.30
N LYS A 219 10.60 -16.42 13.68
CA LYS A 219 10.70 -16.90 12.30
C LYS A 219 11.23 -18.33 12.34
N PHE A 220 10.59 -19.23 11.59
CA PHE A 220 11.15 -20.57 11.46
C PHE A 220 10.79 -21.15 10.10
N GLN A 221 11.79 -21.71 9.43
CA GLN A 221 11.63 -22.27 8.09
C GLN A 221 11.82 -23.79 8.16
N VAL A 222 10.83 -24.52 7.64
CA VAL A 222 10.90 -25.97 7.55
C VAL A 222 10.34 -26.41 6.20
N ASP A 223 10.99 -27.40 5.59
CA ASP A 223 10.65 -27.87 4.24
C ASP A 223 10.65 -26.71 3.25
N LYS A 224 11.58 -25.78 3.43
CA LYS A 224 11.72 -24.59 2.57
C LYS A 224 10.47 -23.74 2.58
N VAL A 225 9.69 -23.79 3.66
CA VAL A 225 8.54 -22.93 3.87
C VAL A 225 8.76 -22.14 5.15
N ASN A 226 8.59 -20.83 5.07
CA ASN A 226 8.88 -19.93 6.19
C ASN A 226 7.59 -19.55 6.90
N PHE A 227 7.60 -19.65 8.23
CA PHE A 227 6.44 -19.35 9.05
C PHE A 227 6.81 -18.31 10.09
N HIS A 228 5.98 -17.28 10.21
CA HIS A 228 6.02 -16.35 11.31
C HIS A 228 5.09 -16.83 12.41
N MET A 229 5.50 -16.65 13.66
CA MET A 229 4.72 -17.05 14.82
C MET A 229 4.62 -15.86 15.77
N PHE A 230 3.39 -15.49 16.13
CA PHE A 230 3.14 -14.40 17.06
C PHE A 230 2.53 -14.98 18.33
N ASP A 231 3.22 -14.80 19.45
CA ASP A 231 2.74 -15.27 20.75
C ASP A 231 2.49 -14.06 21.64
N VAL A 232 1.29 -13.94 22.18
CA VAL A 232 0.94 -12.83 23.03
C VAL A 232 0.53 -13.34 24.42
N ASP A 237 -11.33 -6.90 27.77
CA ASP A 237 -10.17 -6.83 28.67
C ASP A 237 -8.92 -6.45 27.91
N GLU A 238 -8.22 -7.45 27.38
CA GLU A 238 -6.96 -7.24 26.67
C GLU A 238 -6.95 -7.81 25.25
N ARG A 239 -7.55 -8.98 25.05
CA ARG A 239 -7.48 -9.67 23.77
C ARG A 239 -8.63 -9.32 22.83
N ARG A 240 -9.51 -8.39 23.21
CA ARG A 240 -10.56 -7.95 22.30
C ARG A 240 -9.97 -7.40 21.00
N LYS A 241 -9.03 -6.45 21.11
CA LYS A 241 -8.43 -5.86 19.91
C LYS A 241 -7.39 -6.78 19.28
N TRP A 242 -6.71 -7.59 20.09
CA TRP A 242 -5.70 -8.50 19.56
C TRP A 242 -6.33 -9.49 18.58
N ILE A 243 -7.49 -10.05 18.95
CA ILE A 243 -8.22 -10.92 18.03
C ILE A 243 -8.82 -10.11 16.89
N GLN A 244 -9.30 -8.90 17.19
CA GLN A 244 -9.99 -8.09 16.20
C GLN A 244 -9.07 -7.77 15.01
N CYS A 245 -7.81 -7.44 15.29
CA CYS A 245 -6.88 -7.05 14.24
C CYS A 245 -6.02 -8.21 13.75
N PHE A 246 -6.41 -9.44 14.03
CA PHE A 246 -5.72 -10.64 13.57
C PHE A 246 -6.60 -11.45 12.64
N ASN A 247 -7.30 -10.77 11.73
CA ASN A 247 -8.26 -11.44 10.87
C ASN A 247 -7.54 -12.32 9.84
N ASP A 248 -6.50 -11.78 9.20
CA ASP A 248 -5.88 -12.42 8.05
C ASP A 248 -4.81 -13.45 8.43
N VAL A 249 -4.86 -13.98 9.65
CA VAL A 249 -3.93 -15.05 10.02
C VAL A 249 -4.39 -16.36 9.37
N THR A 250 -3.47 -17.33 9.32
CA THR A 250 -3.74 -18.62 8.69
C THR A 250 -4.08 -19.71 9.67
N ALA A 251 -3.56 -19.66 10.90
CA ALA A 251 -3.84 -20.70 11.87
C ALA A 251 -3.67 -20.13 13.28
N ILE A 252 -4.52 -20.59 14.19
CA ILE A 252 -4.45 -20.19 15.60
C ILE A 252 -4.19 -21.45 16.42
N ILE A 253 -2.98 -21.57 16.94
CA ILE A 253 -2.63 -22.71 17.79
C ILE A 253 -3.08 -22.42 19.21
N PHE A 254 -3.86 -23.34 19.78
CA PHE A 254 -4.38 -23.21 21.13
C PHE A 254 -3.78 -24.29 22.01
N VAL A 255 -3.19 -23.89 23.13
CA VAL A 255 -2.58 -24.80 24.09
C VAL A 255 -3.30 -24.66 25.42
N THR A 256 -3.76 -25.79 25.96
CA THR A 256 -4.46 -25.82 27.23
C THR A 256 -3.83 -26.86 28.12
N ALA A 257 -3.45 -26.45 29.33
CA ALA A 257 -2.85 -27.37 30.30
C ALA A 257 -3.91 -28.32 30.85
N CYS A 258 -3.57 -29.60 30.90
CA CYS A 258 -4.46 -30.62 31.43
C CYS A 258 -4.23 -30.91 32.91
N SER A 259 -3.32 -30.19 33.56
CA SER A 259 -3.04 -30.39 34.97
C SER A 259 -3.99 -29.64 35.88
N SER A 260 -4.88 -28.81 35.33
CA SER A 260 -5.83 -28.05 36.13
C SER A 260 -7.02 -28.91 36.54
N ASN A 272 -12.32 -23.28 37.77
CA ASN A 272 -10.89 -23.54 37.74
C ASN A 272 -10.25 -23.07 36.43
N ARG A 273 -8.95 -23.33 36.30
CA ARG A 273 -8.24 -22.91 35.09
C ARG A 273 -8.76 -23.61 33.85
N LEU A 274 -9.12 -24.90 33.98
CA LEU A 274 -9.67 -25.63 32.84
C LEU A 274 -10.99 -25.04 32.39
N ARG A 275 -11.86 -24.67 33.34
CA ARG A 275 -13.12 -24.04 32.99
C ARG A 275 -12.90 -22.69 32.33
N ALA A 276 -11.91 -21.93 32.82
CA ALA A 276 -11.59 -20.65 32.20
C ALA A 276 -11.10 -20.84 30.77
N SER A 277 -10.27 -21.87 30.54
CA SER A 277 -9.80 -22.14 29.18
C SER A 277 -10.97 -22.55 28.28
N LEU A 278 -11.89 -23.36 28.80
CA LEU A 278 -13.07 -23.74 28.01
C LEU A 278 -13.91 -22.52 27.66
N LYS A 279 -14.12 -21.62 28.62
CA LYS A 279 -14.88 -20.40 28.35
C LYS A 279 -14.18 -19.52 27.32
N LEU A 280 -12.85 -19.41 27.41
CA LEU A 280 -12.10 -18.63 26.44
C LEU A 280 -12.22 -19.23 25.05
N PHE A 281 -12.13 -20.56 24.94
CA PHE A 281 -12.27 -21.21 23.65
C PHE A 281 -13.67 -21.01 23.08
N ASP A 282 -14.70 -21.12 23.93
CA ASP A 282 -16.07 -20.89 23.46
C ASP A 282 -16.26 -19.46 22.98
N SER A 283 -15.66 -18.50 23.69
CA SER A 283 -15.78 -17.10 23.28
C SER A 283 -15.04 -16.84 21.98
N ILE A 284 -13.86 -17.45 21.80
CA ILE A 284 -13.06 -17.13 20.62
C ILE A 284 -13.57 -17.86 19.39
N TRP A 285 -14.18 -19.04 19.56
CA TRP A 285 -14.67 -19.79 18.41
C TRP A 285 -15.82 -19.04 17.73
N ASN A 286 -16.72 -18.46 18.51
CA ASN A 286 -17.88 -17.73 17.97
C ASN A 286 -17.53 -16.24 17.93
N ASN A 287 -16.90 -15.83 16.83
CA ASN A 287 -16.55 -14.43 16.62
C ASN A 287 -17.05 -14.00 15.24
N LYS A 288 -17.61 -12.79 15.18
CA LYS A 288 -18.17 -12.28 13.94
C LYS A 288 -17.10 -11.84 12.94
N TRP A 289 -15.87 -11.62 13.40
CA TRP A 289 -14.79 -11.16 12.53
C TRP A 289 -13.66 -12.15 12.36
N LEU A 290 -13.65 -13.25 13.11
CA LEU A 290 -12.60 -14.26 13.01
C LEU A 290 -13.04 -15.48 12.22
N ARG A 291 -14.00 -15.33 11.33
CA ARG A 291 -14.42 -16.43 10.48
C ARG A 291 -13.33 -16.74 9.44
N ASP A 292 -13.35 -17.97 8.95
CA ASP A 292 -12.41 -18.50 7.96
C ASP A 292 -10.98 -18.60 8.49
N THR A 293 -10.79 -18.51 9.81
CA THR A 293 -9.49 -18.68 10.43
C THR A 293 -9.54 -19.96 11.27
N SER A 294 -8.77 -20.96 10.85
CA SER A 294 -8.79 -22.26 11.50
C SER A 294 -7.94 -22.26 12.76
N VAL A 295 -8.28 -23.16 13.67
CA VAL A 295 -7.56 -23.32 14.93
C VAL A 295 -7.04 -24.75 15.02
N ILE A 296 -5.95 -24.91 15.76
CA ILE A 296 -5.31 -26.21 15.98
C ILE A 296 -5.21 -26.40 17.49
N LEU A 297 -5.93 -27.40 18.01
CA LEU A 297 -5.99 -27.65 19.44
C LEU A 297 -4.85 -28.56 19.87
N PHE A 298 -4.22 -28.22 20.99
CA PHE A 298 -3.12 -28.99 21.55
C PHE A 298 -3.42 -29.34 23.00
N LEU A 299 -3.17 -30.59 23.37
CA LEU A 299 -3.31 -31.06 24.74
C LEU A 299 -1.94 -31.45 25.26
N ASN A 300 -1.55 -30.88 26.39
CA ASN A 300 -0.21 -31.07 26.95
C ASN A 300 -0.32 -31.50 28.41
N LYS A 301 0.83 -31.77 29.01
CA LYS A 301 0.93 -32.24 30.40
C LYS A 301 0.12 -33.52 30.60
N GLN A 302 0.21 -34.44 29.63
CA GLN A 302 -0.46 -35.72 29.77
C GLN A 302 0.13 -36.55 30.91
N ASP A 303 1.45 -36.50 31.07
CA ASP A 303 2.09 -37.27 32.13
C ASP A 303 1.64 -36.79 33.52
N LEU A 304 1.55 -35.47 33.71
CA LEU A 304 1.10 -34.95 35.00
C LEU A 304 -0.36 -35.34 35.27
N LEU A 305 -1.21 -35.29 34.25
CA LEU A 305 -2.59 -35.70 34.41
C LEU A 305 -2.69 -37.18 34.77
N ALA A 306 -1.88 -38.02 34.12
CA ALA A 306 -1.87 -39.44 34.46
C ALA A 306 -1.38 -39.67 35.88
N GLU A 307 -0.37 -38.91 36.30
CA GLU A 307 0.13 -39.04 37.68
C GLU A 307 -0.93 -38.62 38.69
N LYS A 308 -1.71 -37.58 38.37
CA LYS A 308 -2.77 -37.14 39.27
C LYS A 308 -3.83 -38.23 39.46
N ILE A 309 -4.19 -38.91 38.37
CA ILE A 309 -5.19 -39.97 38.45
C ILE A 309 -4.61 -41.20 39.14
N ARG A 315 -6.92 -36.15 39.48
CA ARG A 315 -8.28 -36.60 39.77
C ARG A 315 -9.28 -35.48 39.61
N LEU A 316 -9.57 -35.13 38.36
CA LEU A 316 -10.52 -34.06 38.04
C LEU A 316 -11.95 -34.56 37.95
N GLU A 317 -12.19 -35.86 38.09
CA GLU A 317 -13.54 -36.41 37.99
C GLU A 317 -14.41 -36.04 39.19
N GLU A 318 -13.81 -35.56 40.29
CA GLU A 318 -14.60 -35.18 41.45
C GLU A 318 -15.53 -34.02 41.14
N TYR A 319 -15.02 -33.02 40.40
CA TYR A 319 -15.82 -31.86 40.00
C TYR A 319 -16.46 -32.04 38.63
N PHE A 320 -16.22 -33.17 37.97
CA PHE A 320 -16.77 -33.44 36.63
C PHE A 320 -17.46 -34.80 36.66
N PRO A 321 -18.74 -34.83 37.02
CA PRO A 321 -19.46 -36.11 37.12
C PRO A 321 -20.02 -36.63 35.82
N GLU A 322 -19.59 -36.11 34.67
CA GLU A 322 -20.06 -36.60 33.38
C GLU A 322 -19.24 -37.78 32.88
N PHE A 323 -18.25 -38.23 33.64
CA PHE A 323 -17.46 -39.39 33.22
C PHE A 323 -18.32 -40.64 33.11
N ALA A 324 -19.21 -40.85 34.08
CA ALA A 324 -20.09 -42.01 34.07
C ALA A 324 -21.38 -41.72 33.30
N GLU A 341 -7.28 -46.65 32.09
CA GLU A 341 -8.07 -45.65 32.79
C GLU A 341 -7.69 -44.24 32.36
N VAL A 342 -6.38 -44.02 32.17
CA VAL A 342 -5.90 -42.71 31.74
C VAL A 342 -6.36 -42.41 30.32
N ILE A 343 -6.40 -43.43 29.45
CA ILE A 343 -6.88 -43.24 28.10
C ILE A 343 -8.35 -42.85 28.11
N ARG A 344 -9.16 -43.53 28.92
CA ARG A 344 -10.56 -43.16 29.03
C ARG A 344 -10.72 -41.75 29.59
N ALA A 345 -9.89 -41.39 30.57
CA ALA A 345 -9.96 -40.05 31.15
C ALA A 345 -9.66 -38.97 30.11
N LYS A 346 -8.59 -39.16 29.34
CA LYS A 346 -8.25 -38.17 28.33
C LYS A 346 -9.29 -38.13 27.21
N TYR A 347 -9.86 -39.28 26.85
CA TYR A 347 -10.93 -39.29 25.86
C TYR A 347 -12.13 -38.50 26.36
N PHE A 348 -12.48 -38.69 27.64
CA PHE A 348 -13.59 -37.95 28.22
C PHE A 348 -13.31 -36.44 28.24
N ILE A 349 -12.07 -36.06 28.58
CA ILE A 349 -11.77 -34.63 28.65
C ILE A 349 -11.60 -33.99 27.29
N ARG A 350 -11.39 -34.78 26.21
CA ARG A 350 -11.46 -34.16 24.90
C ARG A 350 -12.86 -34.21 24.30
N ASP A 351 -13.74 -35.08 24.80
CA ASP A 351 -15.07 -35.19 24.24
C ASP A 351 -15.84 -33.88 24.35
N GLU A 352 -15.92 -33.31 25.56
CA GLU A 352 -16.63 -32.05 25.72
C GLU A 352 -15.87 -30.90 25.08
N PHE A 353 -14.55 -31.00 24.98
CA PHE A 353 -13.78 -29.98 24.28
C PHE A 353 -14.18 -29.92 22.80
N LEU A 354 -14.30 -31.10 22.17
CA LEU A 354 -14.77 -31.16 20.79
C LEU A 354 -16.22 -30.72 20.68
N ARG A 355 -17.05 -31.07 21.68
CA ARG A 355 -18.45 -30.67 21.65
C ARG A 355 -18.59 -29.15 21.66
N ILE A 356 -17.81 -28.47 22.50
CA ILE A 356 -17.79 -27.01 22.48
C ILE A 356 -17.20 -26.50 21.18
N SER A 357 -16.20 -27.20 20.64
CA SER A 357 -15.56 -26.78 19.39
C SER A 357 -16.56 -26.78 18.24
N THR A 358 -17.35 -27.86 18.11
CA THR A 358 -18.31 -27.95 17.03
C THR A 358 -19.54 -27.10 17.34
N ALA A 359 -20.23 -26.69 16.27
CA ALA A 359 -21.43 -25.87 16.40
C ALA A 359 -22.36 -26.10 15.22
N LYS A 364 -16.91 -22.73 8.36
CA LYS A 364 -15.70 -22.51 7.58
C LYS A 364 -14.46 -22.98 8.33
N HIS A 365 -14.23 -22.38 9.50
CA HIS A 365 -13.08 -22.75 10.31
C HIS A 365 -13.25 -24.15 10.87
N TYR A 366 -12.14 -24.89 10.94
CA TYR A 366 -12.13 -26.26 11.42
C TYR A 366 -11.02 -26.42 12.45
N CYS A 367 -11.32 -27.11 13.55
CA CYS A 367 -10.34 -27.38 14.58
C CYS A 367 -9.59 -28.68 14.29
N TYR A 368 -8.34 -28.74 14.75
CA TYR A 368 -7.46 -29.88 14.51
C TYR A 368 -6.87 -30.34 15.85
N PRO A 369 -7.61 -31.14 16.61
CA PRO A 369 -7.08 -31.65 17.88
C PRO A 369 -5.87 -32.54 17.66
N HIS A 370 -4.96 -32.52 18.63
CA HIS A 370 -3.75 -33.32 18.58
C HIS A 370 -3.35 -33.72 19.99
N PHE A 371 -2.55 -34.79 20.06
CA PHE A 371 -2.06 -35.32 21.34
C PHE A 371 -0.55 -35.18 21.40
N THR A 372 -0.05 -34.62 22.49
CA THR A 372 1.38 -34.46 22.69
C THR A 372 1.87 -35.28 23.89
N GLU A 378 8.39 -33.51 15.85
CA GLU A 378 7.17 -33.99 16.48
C GLU A 378 5.99 -33.08 16.14
N ASN A 379 5.75 -32.07 16.97
CA ASN A 379 4.65 -31.14 16.73
C ASN A 379 4.88 -30.27 15.50
N ILE A 380 6.15 -30.11 15.08
CA ILE A 380 6.43 -29.29 13.90
C ILE A 380 5.78 -29.90 12.66
N ARG A 381 5.91 -31.22 12.50
CA ARG A 381 5.29 -31.89 11.37
C ARG A 381 3.77 -31.81 11.44
N ARG A 382 3.20 -31.90 12.64
CA ARG A 382 1.76 -31.77 12.79
C ARG A 382 1.28 -30.39 12.37
N VAL A 383 2.00 -29.34 12.79
CA VAL A 383 1.64 -27.98 12.38
C VAL A 383 1.79 -27.82 10.88
N PHE A 384 2.85 -28.38 10.30
CA PHE A 384 3.05 -28.32 8.86
C PHE A 384 1.89 -28.95 8.12
N ASN A 385 1.49 -30.16 8.53
CA ASN A 385 0.39 -30.85 7.87
C ASN A 385 -0.93 -30.10 8.04
N ASP A 386 -1.17 -29.56 9.23
CA ASP A 386 -2.40 -28.81 9.47
C ASP A 386 -2.46 -27.56 8.59
N CYS A 387 -1.36 -26.82 8.50
CA CYS A 387 -1.34 -25.64 7.65
C CYS A 387 -1.51 -26.01 6.18
N ARG A 388 -0.87 -27.10 5.74
CA ARG A 388 -1.03 -27.54 4.36
C ARG A 388 -2.49 -27.88 4.07
N ASP A 389 -3.14 -28.61 4.98
CA ASP A 389 -4.54 -28.97 4.78
C ASP A 389 -5.43 -27.72 4.77
N ILE A 390 -5.17 -26.77 5.66
CA ILE A 390 -5.98 -25.56 5.71
C ILE A 390 -5.86 -24.78 4.41
N ILE A 391 -4.63 -24.60 3.92
CA ILE A 391 -4.43 -23.84 2.69
C ILE A 391 -5.03 -24.59 1.51
N GLN A 392 -4.91 -25.92 1.49
CA GLN A 392 -5.49 -26.70 0.40
C GLN A 392 -7.01 -26.56 0.38
N ARG A 393 -7.63 -26.62 1.56
CA ARG A 393 -9.09 -26.46 1.62
C ARG A 393 -9.51 -25.06 1.21
N MET A 394 -8.75 -24.04 1.62
CA MET A 394 -9.07 -22.68 1.22
C MET A 394 -8.98 -22.51 -0.29
N HIS A 395 -7.93 -23.06 -0.90
CA HIS A 395 -7.78 -22.97 -2.35
C HIS A 395 -8.87 -23.76 -3.06
N LEU A 396 -9.25 -24.91 -2.52
CA LEU A 396 -10.33 -25.70 -3.11
C LEU A 396 -11.65 -24.95 -3.06
N ARG A 397 -11.96 -24.31 -1.93
CA ARG A 397 -13.18 -23.52 -1.82
C ARG A 397 -13.11 -22.24 -2.65
N GLN A 398 -11.91 -21.77 -2.99
CA GLN A 398 -11.79 -20.61 -3.86
C GLN A 398 -12.35 -20.90 -5.24
N TYR A 399 -12.12 -22.09 -5.76
CA TYR A 399 -12.59 -22.49 -7.09
C TYR A 399 -13.91 -23.26 -7.03
N GLU A 400 -14.57 -23.30 -5.88
CA GLU A 400 -15.82 -24.05 -5.69
C GLU A 400 -15.62 -25.53 -5.99
N LEU A 401 -14.63 -26.13 -5.34
CA LEU A 401 -14.40 -27.57 -5.40
C LEU A 401 -14.59 -28.25 -4.05
N LEU A 402 -15.11 -27.53 -3.05
CA LEU A 402 -15.32 -28.10 -1.73
C LEU A 402 -16.43 -27.35 -0.99
N GLU B 30 -24.41 8.29 47.47
CA GLU B 30 -24.47 8.27 46.02
C GLU B 30 -25.34 9.39 45.48
N GLN B 31 -25.75 10.31 46.38
CA GLN B 31 -26.58 11.43 45.98
C GLN B 31 -25.83 12.48 45.18
N LEU B 32 -24.49 12.42 45.16
CA LEU B 32 -23.72 13.40 44.40
C LEU B 32 -24.02 13.30 42.91
N LYS B 33 -24.05 12.08 42.37
CA LYS B 33 -24.38 11.92 40.96
C LYS B 33 -25.83 12.29 40.68
N ASN B 34 -26.73 12.05 41.64
CA ASN B 34 -28.13 12.42 41.46
C ASN B 34 -28.28 13.94 41.36
N GLN B 35 -27.63 14.69 42.26
CA GLN B 35 -27.72 16.13 42.18
C GLN B 35 -26.98 16.68 40.97
N ILE B 36 -25.88 16.02 40.56
CA ILE B 36 -25.17 16.45 39.37
C ILE B 36 -26.06 16.32 38.13
N ARG B 37 -26.74 15.17 37.99
CA ARG B 37 -27.61 14.98 36.84
C ARG B 37 -28.85 15.88 36.92
N ASP B 38 -29.34 16.15 38.13
CA ASP B 38 -30.45 17.09 38.27
C ASP B 38 -30.05 18.49 37.82
N ALA B 39 -28.85 18.93 38.21
CA ALA B 39 -28.35 20.23 37.77
C ALA B 39 -28.14 20.25 36.26
N ARG B 40 -27.63 19.16 35.70
CA ARG B 40 -27.43 19.09 34.25
C ARG B 40 -28.76 19.18 33.51
N LYS B 41 -29.78 18.48 33.99
CA LYS B 41 -31.10 18.54 33.36
C LYS B 41 -31.81 19.86 33.60
N ALA B 42 -31.43 20.58 34.67
CA ALA B 42 -32.06 21.88 34.94
C ALA B 42 -31.73 22.89 33.83
N CYS B 43 -30.49 22.90 33.36
CA CYS B 43 -30.08 23.83 32.32
C CYS B 43 -30.49 23.39 30.92
N ALA B 44 -30.91 22.13 30.75
CA ALA B 44 -31.35 21.63 29.45
C ALA B 44 -32.86 21.85 29.31
N ASP B 45 -33.22 23.12 29.12
CA ASP B 45 -34.63 23.46 28.97
C ASP B 45 -35.23 22.85 27.71
N ALA B 46 -34.50 22.90 26.59
CA ALA B 46 -34.99 22.35 25.34
C ALA B 46 -33.79 22.04 24.45
N THR B 47 -34.03 21.18 23.46
CA THR B 47 -32.99 20.81 22.51
C THR B 47 -32.89 21.85 21.41
N LEU B 48 -31.85 21.71 20.58
CA LEU B 48 -31.59 22.64 19.48
C LEU B 48 -32.20 22.18 18.17
N SER B 49 -32.97 21.09 18.17
CA SER B 49 -33.56 20.60 16.93
C SER B 49 -34.53 21.60 16.33
N GLN B 50 -35.31 22.28 17.17
CA GLN B 50 -36.30 23.23 16.66
C GLN B 50 -35.63 24.39 15.94
N ILE B 51 -34.54 24.92 16.51
CA ILE B 51 -33.87 26.07 15.89
C ILE B 51 -32.95 25.66 14.75
N THR B 52 -32.59 24.37 14.66
CA THR B 52 -31.71 23.93 13.58
C THR B 52 -32.45 23.83 12.24
N ASN B 53 -33.78 23.74 12.27
CA ASN B 53 -34.55 23.62 11.04
C ASN B 53 -34.55 24.88 10.20
N ASN B 54 -34.08 26.01 10.75
CA ASN B 54 -34.05 27.27 10.02
C ASN B 54 -32.80 27.43 9.15
N ILE B 55 -31.88 26.48 9.19
CA ILE B 55 -30.66 26.56 8.40
C ILE B 55 -30.85 25.82 7.09
N ASP B 56 -30.08 26.21 6.09
CA ASP B 56 -30.17 25.58 4.77
C ASP B 56 -29.44 24.25 4.78
N PRO B 57 -30.09 23.16 4.38
CA PRO B 57 -29.40 21.87 4.33
C PRO B 57 -28.27 21.88 3.31
N VAL B 58 -27.23 21.10 3.62
CA VAL B 58 -26.07 21.04 2.73
C VAL B 58 -26.38 20.33 1.42
N GLY B 59 -27.49 19.59 1.36
CA GLY B 59 -27.84 18.88 0.15
C GLY B 59 -26.98 17.64 -0.05
N ARG B 60 -26.95 17.19 -1.31
CA ARG B 60 -26.19 16.00 -1.69
C ARG B 60 -24.85 16.40 -2.26
N ILE B 61 -23.79 15.77 -1.76
CA ILE B 61 -22.42 16.02 -2.21
C ILE B 61 -21.83 14.70 -2.69
N GLN B 62 -21.25 14.71 -3.90
CA GLN B 62 -20.70 13.49 -4.47
C GLN B 62 -19.38 13.13 -3.79
N MET B 63 -18.40 14.03 -3.86
CA MET B 63 -17.08 13.81 -3.27
C MET B 63 -16.44 12.52 -3.79
N ARG B 64 -16.38 12.39 -5.11
CA ARG B 64 -15.78 11.23 -5.73
C ARG B 64 -14.27 11.24 -5.54
N THR B 65 -13.67 10.04 -5.63
CA THR B 65 -12.23 9.92 -5.45
C THR B 65 -11.48 10.57 -6.60
N ARG B 66 -10.36 11.24 -6.27
CA ARG B 66 -9.53 11.87 -7.26
C ARG B 66 -8.11 11.31 -7.30
N ARG B 67 -7.69 10.57 -6.28
CA ARG B 67 -6.36 9.99 -6.24
C ARG B 67 -6.41 8.68 -5.45
N THR B 68 -5.48 7.79 -5.76
CA THR B 68 -5.39 6.49 -5.09
C THR B 68 -3.94 6.20 -4.76
N LEU B 69 -3.65 6.01 -3.49
CA LEU B 69 -2.31 5.67 -3.02
C LEU B 69 -2.23 4.16 -2.85
N ARG B 70 -1.48 3.51 -3.74
CA ARG B 70 -1.40 2.06 -3.78
C ARG B 70 0.06 1.62 -3.67
N GLY B 71 0.29 0.54 -2.93
CA GLY B 71 1.63 0.07 -2.69
C GLY B 71 1.80 -0.53 -1.32
N HIS B 72 0.79 -0.39 -0.47
CA HIS B 72 0.81 -1.04 0.84
C HIS B 72 0.65 -2.55 0.69
N LEU B 73 1.05 -3.27 1.73
CA LEU B 73 1.14 -4.73 1.63
C LEU B 73 0.00 -5.45 2.33
N ALA B 74 -0.61 -4.85 3.34
CA ALA B 74 -1.67 -5.51 4.09
C ALA B 74 -2.66 -4.45 4.55
N LYS B 75 -3.51 -4.81 5.51
CA LYS B 75 -4.54 -3.88 5.99
C LYS B 75 -3.89 -2.67 6.65
N ILE B 76 -4.49 -1.50 6.42
CA ILE B 76 -4.02 -0.25 6.99
C ILE B 76 -4.72 -0.04 8.33
N TYR B 77 -3.94 0.19 9.38
CA TYR B 77 -4.50 0.39 10.72
C TYR B 77 -4.83 1.85 10.99
N ALA B 78 -3.95 2.77 10.62
CA ALA B 78 -4.19 4.19 10.87
C ALA B 78 -3.37 5.02 9.90
N MET B 79 -3.73 6.30 9.81
CA MET B 79 -3.02 7.24 8.96
C MET B 79 -3.14 8.63 9.56
N HIS B 80 -2.21 9.51 9.18
CA HIS B 80 -2.20 10.88 9.68
C HIS B 80 -1.73 11.83 8.60
N TRP B 81 -2.11 13.09 8.74
CA TRP B 81 -1.77 14.15 7.81
C TRP B 81 -0.80 15.13 8.47
N GLY B 82 0.13 15.65 7.67
CA GLY B 82 1.05 16.65 8.15
C GLY B 82 0.42 18.02 8.27
N THR B 83 1.15 18.93 8.92
CA THR B 83 0.65 20.29 9.08
C THR B 83 0.64 21.08 7.78
N ASP B 84 1.33 20.58 6.74
CA ASP B 84 1.36 21.23 5.44
C ASP B 84 0.26 20.71 4.52
N SER B 85 -0.55 19.75 4.96
CA SER B 85 -1.68 19.20 4.20
C SER B 85 -1.26 18.73 2.81
N ARG B 86 0.01 18.35 2.65
CA ARG B 86 0.50 17.79 1.40
C ARG B 86 1.04 16.38 1.59
N LEU B 87 1.84 16.14 2.62
CA LEU B 87 2.36 14.82 2.92
C LEU B 87 1.47 14.11 3.94
N LEU B 88 1.53 12.79 3.93
CA LEU B 88 0.78 12.00 4.90
C LEU B 88 1.59 10.75 5.24
N VAL B 89 1.27 10.17 6.40
CA VAL B 89 1.96 8.99 6.89
C VAL B 89 0.95 7.89 7.15
N SER B 90 1.26 6.68 6.68
CA SER B 90 0.36 5.55 6.84
C SER B 90 1.15 4.29 7.12
N ALA B 91 0.66 3.48 8.06
CA ALA B 91 1.27 2.22 8.42
C ALA B 91 0.29 1.08 8.20
N SER B 92 0.82 -0.06 7.77
CA SER B 92 0.02 -1.23 7.46
C SER B 92 0.40 -2.39 8.37
N GLN B 93 -0.24 -3.53 8.14
CA GLN B 93 0.00 -4.73 8.94
C GLN B 93 1.32 -5.41 8.60
N ASP B 94 1.92 -5.07 7.44
CA ASP B 94 3.15 -5.73 7.03
C ASP B 94 4.28 -5.49 8.02
N GLY B 95 4.41 -4.25 8.51
CA GLY B 95 5.47 -3.93 9.45
C GLY B 95 6.32 -2.76 9.00
N LYS B 96 5.82 -2.00 8.03
CA LYS B 96 6.51 -0.80 7.55
C LYS B 96 5.51 0.33 7.45
N LEU B 97 5.96 1.54 7.78
CA LEU B 97 5.16 2.74 7.64
C LEU B 97 5.79 3.63 6.60
N ILE B 98 4.97 4.16 5.69
CA ILE B 98 5.47 4.94 4.57
C ILE B 98 4.77 6.29 4.54
N ILE B 99 5.51 7.29 4.04
CA ILE B 99 5.05 8.66 3.95
C ILE B 99 4.86 9.00 2.48
N TRP B 100 3.61 9.26 2.11
CA TRP B 100 3.23 9.65 0.76
C TRP B 100 3.26 11.16 0.59
N ASP B 101 3.56 11.59 -0.63
CA ASP B 101 3.32 12.96 -1.07
C ASP B 101 2.02 12.93 -1.87
N SER B 102 0.93 13.38 -1.25
CA SER B 102 -0.39 13.22 -1.83
C SER B 102 -0.58 14.02 -3.12
N TYR B 103 0.17 15.10 -3.31
CA TYR B 103 -0.02 15.92 -4.50
C TYR B 103 0.41 15.18 -5.76
N THR B 104 1.57 14.53 -5.73
CA THR B 104 2.13 13.86 -6.90
C THR B 104 2.24 12.35 -6.74
N THR B 105 1.68 11.78 -5.66
CA THR B 105 1.42 10.35 -5.53
C THR B 105 2.70 9.55 -5.26
N ASN B 106 3.86 10.17 -5.42
CA ASN B 106 5.11 9.45 -5.14
C ASN B 106 5.32 9.31 -3.64
N LYS B 107 5.78 8.12 -3.23
CA LYS B 107 6.03 7.84 -1.83
C LYS B 107 7.34 8.49 -1.41
N VAL B 108 7.25 9.51 -0.56
CA VAL B 108 8.45 10.24 -0.13
C VAL B 108 9.35 9.35 0.71
N HIS B 109 8.77 8.62 1.66
CA HIS B 109 9.55 7.84 2.61
C HIS B 109 8.93 6.47 2.80
N ALA B 110 9.75 5.52 3.26
CA ALA B 110 9.28 4.19 3.61
C ALA B 110 10.25 3.60 4.63
N ILE B 111 9.78 3.36 5.84
CA ILE B 111 10.62 2.91 6.95
C ILE B 111 10.05 1.61 7.49
N PRO B 112 10.84 0.54 7.58
CA PRO B 112 10.34 -0.69 8.22
C PRO B 112 10.47 -0.59 9.73
N LEU B 113 9.37 -0.91 10.43
CA LEU B 113 9.38 -0.88 11.88
C LEU B 113 10.29 -1.98 12.43
N ARG B 114 10.84 -1.72 13.63
CA ARG B 114 11.65 -2.73 14.29
C ARG B 114 10.84 -3.97 14.60
N SER B 115 9.60 -3.79 15.06
CA SER B 115 8.69 -4.89 15.27
C SER B 115 7.83 -5.09 14.02
N SER B 116 6.80 -5.93 14.11
CA SER B 116 5.93 -6.21 12.98
C SER B 116 4.48 -5.86 13.24
N TRP B 117 4.17 -5.19 14.36
CA TRP B 117 2.80 -4.87 14.72
C TRP B 117 2.71 -3.39 15.08
N VAL B 118 1.76 -2.69 14.46
CA VAL B 118 1.52 -1.27 14.72
C VAL B 118 0.02 -1.06 14.85
N MET B 119 -0.35 0.05 15.49
CA MET B 119 -1.77 0.33 15.72
C MET B 119 -2.14 1.74 15.31
N THR B 120 -1.18 2.67 15.36
CA THR B 120 -1.48 4.07 15.10
C THR B 120 -0.24 4.77 14.55
N CYS B 121 -0.47 5.92 13.93
CA CYS B 121 0.58 6.74 13.35
C CYS B 121 0.38 8.18 13.78
N ALA B 122 1.47 8.94 13.74
CA ALA B 122 1.41 10.35 14.12
C ALA B 122 2.47 11.13 13.34
N TYR B 123 2.12 12.34 12.93
CA TYR B 123 3.02 13.26 12.26
C TYR B 123 3.19 14.49 13.14
N ALA B 124 4.44 14.82 13.47
CA ALA B 124 4.70 15.96 14.32
C ALA B 124 4.34 17.26 13.60
N PRO B 125 3.84 18.26 14.33
CA PRO B 125 3.54 19.55 13.69
C PRO B 125 4.75 20.19 13.07
N SER B 126 5.94 20.01 13.64
CA SER B 126 7.15 20.52 13.02
C SER B 126 7.50 19.76 11.75
N GLY B 127 7.05 18.51 11.64
CA GLY B 127 7.31 17.70 10.47
C GLY B 127 8.61 16.92 10.48
N ASN B 128 9.33 16.91 11.60
CA ASN B 128 10.59 16.20 11.70
C ASN B 128 10.50 14.88 12.46
N TYR B 129 9.35 14.58 13.07
CA TYR B 129 9.20 13.39 13.90
C TYR B 129 7.94 12.62 13.51
N VAL B 130 8.02 11.30 13.63
CA VAL B 130 6.90 10.41 13.35
C VAL B 130 6.79 9.41 14.49
N ALA B 131 5.58 9.23 15.00
CA ALA B 131 5.34 8.34 16.14
C ALA B 131 4.46 7.17 15.72
N CYS B 132 4.67 6.03 16.38
CA CYS B 132 3.92 4.82 16.09
C CYS B 132 3.94 3.92 17.32
N GLY B 133 3.01 2.98 17.36
CA GLY B 133 2.92 2.05 18.47
C GLY B 133 1.85 1.01 18.19
N GLY B 134 1.78 0.04 19.10
CA GLY B 134 0.81 -1.04 18.96
C GLY B 134 1.06 -2.20 19.88
N LEU B 135 1.06 -3.42 19.34
CA LEU B 135 1.27 -4.62 20.14
C LEU B 135 2.66 -4.68 20.76
N ASP B 136 3.61 -3.90 20.22
CA ASP B 136 4.96 -3.90 20.77
C ASP B 136 4.97 -3.39 22.21
N ASN B 137 4.06 -2.48 22.53
CA ASN B 137 3.90 -1.81 23.83
C ASN B 137 5.01 -0.82 24.11
N ILE B 138 5.92 -0.59 23.17
CA ILE B 138 7.01 0.37 23.32
C ILE B 138 6.88 1.39 22.20
N CYS B 139 6.84 2.67 22.56
CA CYS B 139 6.67 3.71 21.56
C CYS B 139 7.98 3.99 20.84
N SER B 140 7.86 4.31 19.55
CA SER B 140 9.01 4.64 18.72
C SER B 140 8.85 6.04 18.16
N ILE B 141 9.89 6.85 18.28
CA ILE B 141 9.90 8.21 17.74
C ILE B 141 11.04 8.29 16.74
N TYR B 142 10.70 8.59 15.49
CA TYR B 142 11.66 8.68 14.40
C TYR B 142 12.03 10.14 14.15
N ASN B 143 13.16 10.34 13.49
CA ASN B 143 13.66 11.66 13.16
C ASN B 143 13.84 11.70 11.65
N LEU B 144 12.96 12.41 10.96
CA LEU B 144 12.99 12.43 9.50
C LEU B 144 14.17 13.23 8.98
N LYS B 145 14.42 14.42 9.55
CA LYS B 145 15.46 15.32 9.06
C LYS B 145 16.76 15.02 9.79
N THR B 146 17.60 14.19 9.17
CA THR B 146 18.89 13.82 9.72
C THR B 146 20.00 14.27 8.80
N ARG B 147 21.23 14.29 9.33
CA ARG B 147 22.39 14.56 8.49
C ARG B 147 22.54 13.49 7.43
N GLU B 148 22.36 12.23 7.80
CA GLU B 148 22.33 11.14 6.84
C GLU B 148 20.95 11.06 6.18
N GLY B 149 20.94 10.50 4.96
CA GLY B 149 19.69 10.39 4.23
C GLY B 149 18.70 9.46 4.90
N ASN B 150 19.17 8.33 5.41
CA ASN B 150 18.29 7.38 6.07
C ASN B 150 17.83 7.93 7.42
N VAL B 151 16.76 7.32 7.94
CA VAL B 151 16.22 7.69 9.25
C VAL B 151 16.27 6.46 10.15
N ARG B 152 16.28 6.71 11.46
CA ARG B 152 16.38 5.67 12.46
C ARG B 152 15.46 6.00 13.62
N VAL B 153 15.33 5.06 14.56
CA VAL B 153 14.53 5.28 15.75
C VAL B 153 15.28 6.27 16.63
N SER B 154 14.80 7.52 16.68
CA SER B 154 15.47 8.55 17.47
C SER B 154 15.25 8.31 18.96
N ARG B 155 14.06 7.90 19.35
CA ARG B 155 13.74 7.71 20.76
C ARG B 155 12.92 6.45 20.95
N GLU B 156 13.27 5.67 21.97
CA GLU B 156 12.53 4.49 22.37
C GLU B 156 11.87 4.79 23.72
N LEU B 157 10.54 4.82 23.73
CA LEU B 157 9.76 5.23 24.90
C LEU B 157 9.15 4.00 25.56
N ALA B 158 9.36 3.88 26.87
CA ALA B 158 8.87 2.76 27.65
C ALA B 158 8.06 3.26 28.84
N GLY B 159 7.21 2.38 29.36
CA GLY B 159 6.42 2.71 30.53
C GLY B 159 4.93 2.45 30.37
N HIS B 160 4.56 1.64 29.37
CA HIS B 160 3.18 1.27 29.14
C HIS B 160 3.04 -0.24 29.23
N THR B 161 2.06 -0.70 30.01
CA THR B 161 1.78 -2.12 30.16
C THR B 161 0.65 -2.59 29.25
N GLY B 162 0.10 -1.72 28.42
CA GLY B 162 -0.97 -2.08 27.52
C GLY B 162 -0.66 -1.63 26.10
N TYR B 163 -1.44 -2.17 25.17
CA TYR B 163 -1.25 -1.85 23.75
C TYR B 163 -1.57 -0.37 23.49
N LEU B 164 -0.74 0.26 22.65
CA LEU B 164 -0.93 1.66 22.34
C LEU B 164 -2.14 1.86 21.42
N SER B 165 -2.85 2.95 21.63
CA SER B 165 -4.03 3.29 20.83
C SER B 165 -3.84 4.56 20.03
N CYS B 166 -3.44 5.66 20.68
CA CYS B 166 -3.18 6.93 20.00
C CYS B 166 -1.89 7.53 20.53
N CYS B 167 -1.18 8.22 19.65
CA CYS B 167 0.09 8.86 19.99
C CYS B 167 0.12 10.28 19.44
N ARG B 168 -0.95 11.04 19.67
CA ARG B 168 -1.05 12.38 19.14
C ARG B 168 0.08 13.27 19.68
N PHE B 169 0.67 14.05 18.78
CA PHE B 169 1.78 14.91 19.15
C PHE B 169 1.28 16.21 19.76
N LEU B 170 1.93 16.64 20.85
CA LEU B 170 1.64 17.91 21.49
C LEU B 170 2.62 19.01 21.09
N ASP B 171 3.91 18.69 21.05
CA ASP B 171 4.94 19.65 20.65
C ASP B 171 6.13 18.86 20.11
N ASP B 172 7.25 19.55 19.92
CA ASP B 172 8.46 18.88 19.42
C ASP B 172 9.11 18.01 20.47
N ASN B 173 8.81 18.21 21.76
CA ASN B 173 9.42 17.44 22.82
C ASN B 173 8.42 16.75 23.75
N GLN B 174 7.14 17.13 23.70
CA GLN B 174 6.11 16.53 24.55
C GLN B 174 5.12 15.77 23.69
N ILE B 175 4.82 14.53 24.06
CA ILE B 175 3.89 13.69 23.32
C ILE B 175 2.98 12.97 24.29
N VAL B 176 1.68 12.99 24.01
CA VAL B 176 0.68 12.31 24.83
C VAL B 176 0.32 10.99 24.15
N THR B 177 0.13 9.95 24.95
CA THR B 177 -0.17 8.62 24.43
C THR B 177 -1.25 7.97 25.29
N SER B 178 -2.04 7.11 24.65
CA SER B 178 -3.11 6.37 25.30
C SER B 178 -2.89 4.89 25.05
N SER B 179 -2.96 4.08 26.10
CA SER B 179 -2.71 2.66 26.02
C SER B 179 -3.89 1.88 26.61
N GLY B 180 -3.76 0.56 26.62
CA GLY B 180 -4.79 -0.34 27.11
C GLY B 180 -4.73 -0.66 28.58
N ASP B 181 -3.85 -0.01 29.34
CA ASP B 181 -3.76 -0.23 30.79
C ASP B 181 -4.68 0.69 31.57
N THR B 182 -5.76 1.15 30.96
CA THR B 182 -6.76 2.04 31.56
C THR B 182 -6.20 3.39 31.96
N THR B 183 -4.95 3.70 31.57
CA THR B 183 -4.34 4.98 31.87
C THR B 183 -3.68 5.54 30.61
N CYS B 184 -3.53 6.86 30.59
CA CYS B 184 -2.82 7.55 29.52
C CYS B 184 -1.72 8.40 30.13
N ALA B 185 -0.71 8.71 29.32
CA ALA B 185 0.47 9.40 29.85
C ALA B 185 1.04 10.37 28.85
N LEU B 186 1.47 11.53 29.35
CA LEU B 186 2.17 12.54 28.56
C LEU B 186 3.64 12.49 28.95
N TRP B 187 4.51 12.27 27.96
CA TRP B 187 5.93 12.10 28.15
C TRP B 187 6.69 13.26 27.51
N ASP B 188 7.91 13.47 28.00
CA ASP B 188 8.84 14.44 27.41
C ASP B 188 9.88 13.63 26.65
N ILE B 189 10.06 13.96 25.37
CA ILE B 189 10.97 13.19 24.52
C ILE B 189 12.41 13.35 24.99
N GLU B 190 12.80 14.58 25.37
CA GLU B 190 14.20 14.84 25.68
C GLU B 190 14.68 14.02 26.87
N THR B 191 13.96 14.08 27.99
CA THR B 191 14.44 13.40 29.19
C THR B 191 14.23 11.88 29.11
N GLY B 192 13.11 11.44 28.54
CA GLY B 192 12.87 10.03 28.36
C GLY B 192 11.75 9.44 29.20
N GLN B 193 11.66 9.83 30.47
CA GLN B 193 10.66 9.27 31.36
C GLN B 193 9.35 10.05 31.26
N GLN B 194 8.36 9.62 32.03
CA GLN B 194 7.04 10.22 31.98
C GLN B 194 7.05 11.61 32.64
N THR B 195 6.08 12.42 32.25
CA THR B 195 5.86 13.73 32.84
C THR B 195 4.52 13.86 33.53
N THR B 196 3.45 13.37 32.93
CA THR B 196 2.12 13.43 33.54
C THR B 196 1.38 12.14 33.27
N THR B 197 0.54 11.73 34.22
CA THR B 197 -0.23 10.50 34.11
C THR B 197 -1.69 10.78 34.44
N PHE B 198 -2.59 10.07 33.75
CA PHE B 198 -4.03 10.16 33.96
C PHE B 198 -4.60 8.75 34.04
N THR B 199 -5.15 8.41 35.21
CA THR B 199 -5.73 7.09 35.44
C THR B 199 -7.20 7.19 35.81
N GLY B 200 -7.89 8.23 35.33
CA GLY B 200 -9.29 8.39 35.65
C GLY B 200 -10.18 7.32 35.04
N HIS B 201 -9.84 6.88 33.82
CA HIS B 201 -10.68 5.91 33.13
C HIS B 201 -10.59 4.55 33.79
N THR B 202 -11.74 3.95 34.09
CA THR B 202 -11.76 2.61 34.68
C THR B 202 -11.43 1.56 33.64
N GLY B 203 -11.97 1.70 32.42
CA GLY B 203 -11.69 0.76 31.35
C GLY B 203 -10.49 1.18 30.51
N ASP B 204 -10.12 0.29 29.59
CA ASP B 204 -8.97 0.54 28.73
C ASP B 204 -9.30 1.60 27.71
N VAL B 205 -8.61 2.74 27.79
CA VAL B 205 -8.85 3.86 26.89
C VAL B 205 -8.22 3.57 25.53
N MET B 206 -9.03 3.72 24.47
CA MET B 206 -8.56 3.48 23.12
C MET B 206 -8.72 4.67 22.19
N SER B 207 -9.38 5.75 22.62
CA SER B 207 -9.56 6.90 21.75
C SER B 207 -9.00 8.14 22.43
N LEU B 208 -8.30 8.97 21.67
CA LEU B 208 -7.70 10.18 22.23
C LEU B 208 -7.66 11.24 21.14
N SER B 209 -8.21 12.42 21.45
CA SER B 209 -8.25 13.53 20.52
C SER B 209 -7.72 14.78 21.19
N LEU B 210 -6.95 15.57 20.45
CA LEU B 210 -6.30 16.76 20.96
C LEU B 210 -7.00 18.00 20.42
N ALA B 211 -7.29 18.94 21.30
CA ALA B 211 -7.96 20.17 20.89
C ALA B 211 -7.01 21.03 20.05
N PRO B 212 -7.54 21.88 19.17
CA PRO B 212 -6.68 22.78 18.40
C PRO B 212 -5.83 23.69 19.26
N ASP B 213 -6.35 24.10 20.42
CA ASP B 213 -5.58 24.95 21.33
C ASP B 213 -4.40 24.24 21.97
N THR B 214 -4.34 22.90 21.87
CA THR B 214 -3.26 22.10 22.43
C THR B 214 -3.11 22.34 23.93
N ARG B 215 -4.23 22.44 24.63
CA ARG B 215 -4.25 22.57 26.08
C ARG B 215 -4.96 21.41 26.77
N LEU B 216 -6.10 20.96 26.23
CA LEU B 216 -6.86 19.87 26.80
C LEU B 216 -7.12 18.82 25.73
N PHE B 217 -7.23 17.56 26.16
CA PHE B 217 -7.50 16.45 25.24
C PHE B 217 -8.55 15.53 25.84
N VAL B 218 -9.30 14.87 24.96
CA VAL B 218 -10.46 14.07 25.35
C VAL B 218 -10.15 12.60 25.06
N SER B 219 -10.44 11.75 26.04
CA SER B 219 -10.14 10.32 25.95
C SER B 219 -11.40 9.48 26.12
N GLY B 220 -11.38 8.29 25.51
CA GLY B 220 -12.51 7.39 25.53
C GLY B 220 -12.13 5.91 25.60
N ALA B 221 -12.90 5.15 26.38
CA ALA B 221 -12.57 3.76 26.72
C ALA B 221 -13.73 2.80 26.44
N CYS B 222 -13.64 1.58 26.98
CA CYS B 222 -14.72 0.61 26.82
C CYS B 222 -15.98 1.04 27.53
N ASP B 223 -15.86 1.63 28.72
CA ASP B 223 -17.03 1.86 29.57
C ASP B 223 -17.79 3.11 29.19
N ALA B 224 -18.11 3.26 27.90
CA ALA B 224 -18.95 4.34 27.38
C ALA B 224 -18.65 5.68 28.03
N SER B 225 -17.38 5.99 28.25
CA SER B 225 -16.98 7.17 28.99
C SER B 225 -16.05 8.02 28.14
N ALA B 226 -16.39 9.30 27.99
CA ALA B 226 -15.52 10.29 27.38
C ALA B 226 -15.17 11.32 28.43
N LYS B 227 -13.88 11.53 28.65
CA LYS B 227 -13.41 12.39 29.73
C LYS B 227 -12.39 13.39 29.21
N LEU B 228 -12.51 14.63 29.66
CA LEU B 228 -11.54 15.67 29.37
C LEU B 228 -10.31 15.50 30.26
N TRP B 229 -9.19 16.04 29.81
CA TRP B 229 -7.94 16.00 30.56
C TRP B 229 -7.12 17.23 30.23
N ASP B 230 -6.61 17.89 31.28
CA ASP B 230 -5.83 19.10 31.12
C ASP B 230 -4.36 18.70 31.16
N VAL B 231 -3.59 19.17 30.17
CA VAL B 231 -2.18 18.82 30.10
C VAL B 231 -1.41 19.41 31.28
N ARG B 232 -1.66 20.68 31.60
CA ARG B 232 -0.87 21.36 32.62
C ARG B 232 -1.14 20.80 34.01
N GLU B 233 -2.40 20.58 34.36
CA GLU B 233 -2.75 20.15 35.71
C GLU B 233 -2.84 18.64 35.85
N GLY B 234 -3.12 17.92 34.76
CA GLY B 234 -3.29 16.48 34.86
C GLY B 234 -4.48 16.07 35.72
N MET B 235 -5.58 16.80 35.63
CA MET B 235 -6.76 16.54 36.44
C MET B 235 -7.96 16.69 35.52
N CYS B 236 -8.76 15.64 35.40
CA CYS B 236 -9.88 15.65 34.46
C CYS B 236 -10.87 16.77 34.79
N ARG B 237 -11.42 17.38 33.74
CA ARG B 237 -12.33 18.50 33.88
C ARG B 237 -13.80 18.10 33.72
N GLN B 238 -14.12 17.30 32.71
CA GLN B 238 -15.48 16.90 32.45
C GLN B 238 -15.53 15.41 32.12
N THR B 239 -16.68 14.80 32.37
CA THR B 239 -16.92 13.39 32.07
C THR B 239 -18.24 13.25 31.37
N PHE B 240 -18.32 12.27 30.47
CA PHE B 240 -19.51 12.05 29.65
C PHE B 240 -19.85 10.57 29.63
N THR B 241 -21.15 10.28 29.52
CA THR B 241 -21.64 8.91 29.45
C THR B 241 -22.78 8.78 28.43
N GLY B 242 -22.75 9.58 27.37
CA GLY B 242 -23.83 9.55 26.40
C GLY B 242 -23.95 8.23 25.67
N HIS B 243 -22.81 7.64 25.29
CA HIS B 243 -22.83 6.39 24.55
C HIS B 243 -23.09 5.21 25.47
N GLU B 244 -23.25 4.03 24.86
CA GLU B 244 -23.61 2.82 25.60
C GLU B 244 -22.52 1.76 25.50
N SER B 245 -22.08 1.41 24.28
CA SER B 245 -21.20 0.26 24.11
C SER B 245 -19.76 0.59 24.47
N ASP B 246 -19.14 1.51 23.72
CA ASP B 246 -17.74 1.87 23.93
C ASP B 246 -17.44 3.09 23.08
N ILE B 247 -16.22 3.61 23.23
CA ILE B 247 -15.76 4.78 22.47
C ILE B 247 -14.57 4.32 21.65
N ASN B 248 -14.81 3.93 20.40
CA ASN B 248 -13.75 3.50 19.50
C ASN B 248 -13.43 4.54 18.44
N ALA B 249 -14.13 5.68 18.44
CA ALA B 249 -13.85 6.78 17.52
C ALA B 249 -13.91 8.08 18.31
N ILE B 250 -13.15 9.08 17.83
CA ILE B 250 -13.03 10.33 18.56
C ILE B 250 -12.54 11.41 17.60
N CYS B 251 -12.90 12.66 17.89
CA CYS B 251 -12.47 13.82 17.11
C CYS B 251 -12.80 15.07 17.92
N PHE B 252 -12.26 16.19 17.46
CA PHE B 252 -12.47 17.49 18.10
C PHE B 252 -13.07 18.47 17.11
N PHE B 253 -14.01 19.27 17.58
CA PHE B 253 -14.56 20.34 16.77
C PHE B 253 -13.51 21.43 16.58
N PRO B 254 -13.48 22.08 15.41
CA PRO B 254 -12.50 23.17 15.20
C PRO B 254 -12.67 24.31 16.19
N ASN B 255 -13.89 24.55 16.68
CA ASN B 255 -14.10 25.63 17.65
C ASN B 255 -13.35 25.34 18.95
N GLY B 256 -13.32 24.09 19.38
CA GLY B 256 -12.59 23.68 20.56
C GLY B 256 -13.43 23.46 21.80
N ASN B 257 -14.69 23.89 21.81
CA ASN B 257 -15.58 23.71 22.94
C ASN B 257 -16.56 22.57 22.73
N ALA B 258 -16.34 21.73 21.73
CA ALA B 258 -17.24 20.62 21.44
C ALA B 258 -16.44 19.48 20.82
N PHE B 259 -17.00 18.28 20.87
CA PHE B 259 -16.38 17.11 20.28
C PHE B 259 -17.43 16.04 20.06
N ALA B 260 -17.16 15.14 19.11
CA ALA B 260 -18.04 14.04 18.77
C ALA B 260 -17.28 12.73 18.86
N THR B 261 -17.91 11.71 19.44
CA THR B 261 -17.29 10.41 19.64
C THR B 261 -18.16 9.32 19.03
N GLY B 262 -17.51 8.36 18.36
CA GLY B 262 -18.22 7.24 17.79
C GLY B 262 -18.43 6.12 18.80
N SER B 263 -19.22 5.14 18.38
CA SER B 263 -19.54 4.00 19.24
C SER B 263 -19.99 2.84 18.37
N ASP B 264 -20.00 1.65 18.96
CA ASP B 264 -20.49 0.47 18.27
C ASP B 264 -22.01 0.46 18.12
N ASP B 265 -22.72 1.38 18.79
CA ASP B 265 -24.16 1.47 18.72
C ASP B 265 -24.64 2.31 17.54
N ALA B 266 -23.78 2.53 16.54
CA ALA B 266 -24.13 3.30 15.34
C ALA B 266 -24.62 4.71 15.71
N THR B 267 -23.93 5.33 16.66
CA THR B 267 -24.29 6.67 17.11
C THR B 267 -23.03 7.51 17.27
N CYS B 268 -23.12 8.78 16.86
CA CYS B 268 -22.03 9.75 17.02
C CYS B 268 -22.61 10.93 17.80
N ARG B 269 -22.58 10.84 19.13
CA ARG B 269 -23.12 11.89 19.97
C ARG B 269 -22.12 13.04 20.07
N LEU B 270 -22.61 14.25 19.89
CA LEU B 270 -21.79 15.45 19.96
C LEU B 270 -22.10 16.19 21.25
N PHE B 271 -21.08 16.38 22.08
CA PHE B 271 -21.21 17.06 23.36
C PHE B 271 -20.56 18.44 23.27
N ASP B 272 -20.52 19.14 24.40
CA ASP B 272 -19.92 20.46 24.48
C ASP B 272 -19.11 20.58 25.77
N LEU B 273 -18.29 21.62 25.84
CA LEU B 273 -17.44 21.88 26.99
C LEU B 273 -18.09 22.78 28.02
N ARG B 274 -19.33 23.21 27.80
CA ARG B 274 -20.01 24.12 28.70
C ARG B 274 -21.21 23.49 29.39
N ALA B 275 -22.15 22.93 28.65
CA ALA B 275 -23.35 22.34 29.23
C ALA B 275 -23.20 20.87 29.56
N ASP B 276 -22.21 20.18 28.97
CA ASP B 276 -21.96 18.77 29.21
C ASP B 276 -23.16 17.90 28.82
N GLN B 277 -23.98 18.38 27.89
CA GLN B 277 -25.14 17.66 27.41
C GLN B 277 -24.92 17.18 25.98
N GLU B 278 -25.50 16.02 25.66
CA GLU B 278 -25.45 15.52 24.31
C GLU B 278 -26.40 16.32 23.41
N LEU B 279 -25.88 16.75 22.26
CA LEU B 279 -26.65 17.58 21.34
C LEU B 279 -27.27 16.77 20.20
N MET B 280 -26.45 16.02 19.47
CA MET B 280 -26.90 15.30 18.28
C MET B 280 -26.97 13.80 18.56
N THR B 281 -27.88 13.13 17.86
CA THR B 281 -28.07 11.69 17.97
C THR B 281 -28.38 11.17 16.58
N TYR B 282 -27.43 10.49 15.97
CA TYR B 282 -27.56 9.96 14.61
C TYR B 282 -27.92 8.48 14.68
N SER B 283 -29.04 8.11 14.04
CA SER B 283 -29.50 6.74 14.01
C SER B 283 -29.83 6.34 12.58
N HIS B 284 -29.49 5.11 12.22
CA HIS B 284 -29.79 4.59 10.89
C HIS B 284 -29.81 3.07 10.99
N ASP B 285 -30.90 2.46 10.51
CA ASP B 285 -31.17 1.05 10.78
C ASP B 285 -30.29 0.08 9.99
N ASN B 286 -29.55 0.55 8.99
CA ASN B 286 -28.75 -0.34 8.15
C ASN B 286 -27.26 -0.29 8.45
N ILE B 287 -26.83 0.58 9.37
CA ILE B 287 -25.42 0.69 9.72
C ILE B 287 -25.23 0.42 11.20
N ILE B 288 -26.03 -0.50 11.75
CA ILE B 288 -26.02 -0.84 13.17
C ILE B 288 -24.61 -1.25 13.62
N CYS B 289 -23.78 -1.67 12.66
CA CYS B 289 -22.40 -2.04 12.96
C CYS B 289 -21.66 -0.85 13.58
N GLY B 290 -20.47 -1.14 14.10
CA GLY B 290 -19.70 -0.14 14.80
C GLY B 290 -19.17 0.94 13.87
N ILE B 291 -18.79 2.06 14.49
CA ILE B 291 -18.21 3.21 13.80
C ILE B 291 -16.74 3.27 14.16
N THR B 292 -15.87 3.26 13.15
CA THR B 292 -14.45 3.13 13.41
C THR B 292 -13.75 4.47 13.63
N SER B 293 -14.06 5.49 12.83
CA SER B 293 -13.40 6.77 12.95
C SER B 293 -14.36 7.88 12.56
N VAL B 294 -14.07 9.08 13.06
CA VAL B 294 -14.84 10.27 12.77
C VAL B 294 -13.90 11.41 12.46
N SER B 295 -14.41 12.43 11.78
CA SER B 295 -13.63 13.60 11.40
C SER B 295 -14.54 14.81 11.33
N PHE B 296 -14.02 15.92 10.82
CA PHE B 296 -14.77 17.17 10.73
C PHE B 296 -14.21 17.98 9.56
N SER B 297 -14.61 19.25 9.50
CA SER B 297 -14.12 20.18 8.49
C SER B 297 -13.90 21.53 9.16
N LYS B 298 -13.42 22.50 8.38
CA LYS B 298 -13.18 23.84 8.93
C LYS B 298 -14.46 24.49 9.40
N SER B 299 -15.52 24.40 8.58
CA SER B 299 -16.79 25.00 8.96
C SER B 299 -17.46 24.28 10.11
N GLY B 300 -17.23 22.97 10.22
CA GLY B 300 -17.88 22.17 11.24
C GLY B 300 -19.23 21.62 10.85
N ARG B 301 -19.75 21.99 9.69
CA ARG B 301 -21.02 21.44 9.20
C ARG B 301 -20.79 20.21 8.34
N LEU B 302 -20.00 19.27 8.86
CA LEU B 302 -19.67 18.03 8.16
C LEU B 302 -19.02 17.06 9.12
N LEU B 303 -19.52 15.82 9.16
CA LEU B 303 -18.98 14.78 10.04
C LEU B 303 -18.81 13.52 9.21
N LEU B 304 -17.56 13.14 8.95
CA LEU B 304 -17.25 11.98 8.13
C LEU B 304 -16.99 10.80 9.06
N ALA B 305 -17.87 9.80 9.05
CA ALA B 305 -17.77 8.64 9.92
C ALA B 305 -17.72 7.38 9.09
N GLY B 306 -16.78 6.50 9.41
CA GLY B 306 -16.61 5.24 8.69
C GLY B 306 -17.26 4.09 9.44
N TYR B 307 -17.87 3.19 8.68
CA TYR B 307 -18.61 2.05 9.23
C TYR B 307 -18.00 0.75 8.71
N ASP B 308 -18.66 -0.36 9.04
CA ASP B 308 -18.19 -1.69 8.68
C ASP B 308 -18.80 -2.21 7.39
N ASP B 309 -19.64 -1.42 6.71
CA ASP B 309 -20.24 -1.81 5.44
C ASP B 309 -19.42 -1.33 4.24
N PHE B 310 -18.10 -1.22 4.40
CA PHE B 310 -17.19 -0.84 3.31
C PHE B 310 -17.51 0.56 2.78
N ASN B 311 -18.01 1.44 3.65
CA ASN B 311 -18.36 2.79 3.26
C ASN B 311 -18.20 3.72 4.46
N CYS B 312 -18.08 5.01 4.17
CA CYS B 312 -17.94 6.05 5.19
C CYS B 312 -19.08 7.03 5.01
N ASN B 313 -20.21 6.76 5.68
CA ASN B 313 -21.38 7.61 5.55
C ASN B 313 -21.09 9.04 6.01
N VAL B 314 -21.18 9.98 5.08
CA VAL B 314 -20.98 11.39 5.39
C VAL B 314 -22.25 11.92 6.05
N TRP B 315 -22.17 12.23 7.33
CA TRP B 315 -23.32 12.70 8.10
C TRP B 315 -23.26 14.20 8.27
N ASP B 316 -24.43 14.84 8.23
CA ASP B 316 -24.52 16.27 8.51
C ASP B 316 -24.47 16.49 10.02
N ALA B 317 -23.66 17.47 10.44
CA ALA B 317 -23.44 17.70 11.85
C ALA B 317 -24.56 18.50 12.51
N LEU B 318 -25.42 19.16 11.73
CA LEU B 318 -26.51 19.96 12.27
C LEU B 318 -27.88 19.37 11.98
N LYS B 319 -28.18 19.06 10.72
CA LYS B 319 -29.49 18.52 10.37
C LYS B 319 -29.68 17.08 10.84
N ALA B 320 -28.61 16.41 11.27
CA ALA B 320 -28.69 15.05 11.80
C ALA B 320 -29.31 14.09 10.78
N ASP B 321 -28.94 14.25 9.51
CA ASP B 321 -29.42 13.39 8.45
C ASP B 321 -28.25 13.01 7.54
N ARG B 322 -28.46 11.94 6.78
CA ARG B 322 -27.45 11.49 5.84
C ARG B 322 -27.21 12.54 4.76
N ALA B 323 -25.95 12.73 4.39
CA ALA B 323 -25.59 13.75 3.43
C ALA B 323 -24.78 13.17 2.28
N GLY B 324 -23.93 12.18 2.56
CA GLY B 324 -23.06 11.60 1.55
C GLY B 324 -23.09 10.09 1.58
N VAL B 325 -22.34 9.51 0.66
CA VAL B 325 -22.27 8.05 0.51
C VAL B 325 -20.84 7.57 0.75
N LEU B 326 -19.91 8.08 -0.05
CA LEU B 326 -18.48 7.73 0.06
C LEU B 326 -18.27 6.23 -0.07
N ALA B 327 -18.90 5.61 -1.07
CA ALA B 327 -18.76 4.18 -1.31
C ALA B 327 -17.71 3.97 -2.40
N GLY B 328 -16.47 3.73 -1.98
CA GLY B 328 -15.39 3.51 -2.93
C GLY B 328 -14.39 2.46 -2.48
N HIS B 329 -14.71 1.76 -1.40
CA HIS B 329 -13.83 0.75 -0.84
C HIS B 329 -14.55 -0.59 -0.79
N ASP B 330 -13.86 -1.65 -1.19
CA ASP B 330 -14.40 -3.00 -1.14
C ASP B 330 -14.15 -3.70 0.19
N ASN B 331 -13.34 -3.10 1.07
CA ASN B 331 -13.03 -3.65 2.38
C ASN B 331 -13.36 -2.63 3.46
N ARG B 332 -13.20 -3.04 4.71
CA ARG B 332 -13.57 -2.19 5.83
C ARG B 332 -12.57 -1.06 5.99
N VAL B 333 -13.08 0.17 6.12
CA VAL B 333 -12.25 1.34 6.39
C VAL B 333 -11.91 1.35 7.87
N SER B 334 -10.63 1.57 8.18
CA SER B 334 -10.15 1.57 9.56
C SER B 334 -10.02 2.98 10.13
N CYS B 335 -9.25 3.83 9.47
CA CYS B 335 -9.03 5.20 9.93
C CYS B 335 -9.17 6.16 8.77
N LEU B 336 -9.82 7.30 9.03
CA LEU B 336 -9.99 8.35 8.04
C LEU B 336 -9.74 9.70 8.71
N GLY B 337 -9.31 10.68 7.93
CA GLY B 337 -9.03 12.00 8.45
C GLY B 337 -8.80 13.03 7.37
N VAL B 338 -9.41 14.20 7.52
CA VAL B 338 -9.25 15.29 6.56
C VAL B 338 -7.90 15.96 6.79
N THR B 339 -7.46 16.76 5.82
CA THR B 339 -6.21 17.48 5.95
C THR B 339 -6.37 18.70 6.84
N ASP B 340 -5.24 19.37 7.11
CA ASP B 340 -5.27 20.57 7.94
C ASP B 340 -6.09 21.67 7.28
N ASP B 341 -5.92 21.88 5.97
CA ASP B 341 -6.66 22.90 5.25
C ASP B 341 -8.05 22.44 4.83
N GLY B 342 -8.36 21.15 4.97
CA GLY B 342 -9.66 20.65 4.58
C GLY B 342 -9.88 20.54 3.09
N MET B 343 -8.81 20.58 2.29
CA MET B 343 -8.94 20.50 0.84
C MET B 343 -9.08 19.08 0.33
N ALA B 344 -8.81 18.07 1.16
CA ALA B 344 -8.89 16.69 0.72
C ALA B 344 -9.22 15.80 1.91
N VAL B 345 -9.73 14.61 1.61
CA VAL B 345 -10.06 13.60 2.61
C VAL B 345 -9.39 12.30 2.23
N ALA B 346 -8.69 11.69 3.17
CA ALA B 346 -8.02 10.42 2.95
C ALA B 346 -8.68 9.33 3.80
N THR B 347 -9.04 8.23 3.16
CA THR B 347 -9.69 7.10 3.84
C THR B 347 -8.80 5.87 3.71
N GLY B 348 -8.31 5.38 4.84
CA GLY B 348 -7.51 4.18 4.86
C GLY B 348 -8.38 2.97 5.13
N SER B 349 -8.31 1.98 4.25
CA SER B 349 -9.11 0.77 4.34
C SER B 349 -8.20 -0.44 4.56
N TRP B 350 -8.81 -1.61 4.59
CA TRP B 350 -8.11 -2.85 4.89
C TRP B 350 -7.60 -3.58 3.65
N ASP B 351 -7.76 -2.98 2.46
CA ASP B 351 -7.33 -3.60 1.21
C ASP B 351 -6.02 -3.01 0.69
N SER B 352 -5.21 -2.44 1.59
CA SER B 352 -3.94 -1.78 1.23
C SER B 352 -4.16 -0.63 0.26
N PHE B 353 -5.36 -0.04 0.28
CA PHE B 353 -5.72 1.03 -0.62
C PHE B 353 -6.00 2.30 0.17
N LEU B 354 -5.33 3.39 -0.21
CA LEU B 354 -5.58 4.71 0.36
C LEU B 354 -6.18 5.59 -0.72
N LYS B 355 -7.34 6.17 -0.44
CA LYS B 355 -8.08 6.96 -1.42
C LYS B 355 -8.16 8.41 -0.96
N ILE B 356 -7.93 9.32 -1.91
CA ILE B 356 -8.05 10.76 -1.67
C ILE B 356 -9.34 11.24 -2.31
N TRP B 357 -10.15 11.97 -1.55
CA TRP B 357 -11.45 12.43 -1.99
C TRP B 357 -11.51 13.95 -1.96
N ASN B 358 -12.35 14.51 -2.83
CA ASN B 358 -12.52 15.96 -2.90
C ASN B 358 -13.91 16.27 -3.45
N LEU C 43 -12.77 9.25 43.94
CA LEU C 43 -14.08 9.25 43.31
C LEU C 43 -14.96 10.38 43.86
N VAL C 44 -14.86 10.60 45.16
CA VAL C 44 -15.64 11.67 45.80
C VAL C 44 -15.21 13.02 45.28
N GLU C 45 -13.89 13.24 45.15
CA GLU C 45 -13.38 14.52 44.66
C GLU C 45 -13.84 14.78 43.23
N GLN C 46 -13.86 13.73 42.39
CA GLN C 46 -14.29 13.89 41.01
C GLN C 46 -15.73 14.39 40.93
N LEU C 47 -16.62 13.77 41.71
CA LEU C 47 -18.01 14.23 41.74
C LEU C 47 -18.11 15.62 42.33
N LYS C 48 -17.28 15.93 43.31
CA LYS C 48 -17.30 17.26 43.92
C LYS C 48 -16.95 18.34 42.91
N MET C 49 -15.92 18.11 42.08
CA MET C 49 -15.60 19.10 41.05
C MET C 49 -16.60 19.08 39.91
N GLU C 50 -17.22 17.93 39.63
CA GLU C 50 -18.25 17.87 38.61
C GLU C 50 -19.46 18.70 39.00
N ALA C 51 -19.82 18.68 40.28
CA ALA C 51 -20.95 19.49 40.75
C ALA C 51 -20.66 20.98 40.69
N ASN C 52 -19.39 21.38 40.55
CA ASN C 52 -18.98 22.78 40.48
C ASN C 52 -18.37 23.09 39.13
N ILE C 53 -18.96 22.57 38.05
CA ILE C 53 -18.44 22.80 36.72
C ILE C 53 -18.95 24.09 36.08
N ASP C 54 -19.91 24.77 36.71
CA ASP C 54 -20.48 26.02 36.19
C ASP C 54 -21.05 25.81 34.78
N ARG C 55 -22.06 24.96 34.70
CA ARG C 55 -22.69 24.63 33.43
C ARG C 55 -23.42 25.86 32.86
N ILE C 56 -23.39 25.97 31.54
CA ILE C 56 -24.06 27.05 30.83
C ILE C 56 -25.27 26.49 30.10
N LYS C 57 -26.18 27.39 29.72
CA LYS C 57 -27.40 26.97 29.04
C LYS C 57 -27.09 26.37 27.68
N VAL C 58 -27.88 25.36 27.29
CA VAL C 58 -27.68 24.69 26.02
C VAL C 58 -27.99 25.63 24.86
N SER C 59 -28.92 26.56 25.05
CA SER C 59 -29.29 27.48 23.96
C SER C 59 -28.11 28.33 23.53
N LYS C 60 -27.35 28.86 24.49
CA LYS C 60 -26.19 29.68 24.14
C LYS C 60 -25.15 28.88 23.39
N ALA C 61 -24.88 27.64 23.83
CA ALA C 61 -23.92 26.80 23.14
C ALA C 61 -24.37 26.48 21.72
N ALA C 62 -25.66 26.18 21.54
CA ALA C 62 -26.18 25.90 20.21
C ALA C 62 -26.09 27.12 19.32
N ALA C 63 -26.39 28.31 19.86
CA ALA C 63 -26.29 29.54 19.08
C ALA C 63 -24.85 29.79 18.67
N ASP C 64 -23.90 29.60 19.58
CA ASP C 64 -22.50 29.78 19.24
C ASP C 64 -22.07 28.78 18.17
N LEU C 65 -22.51 27.53 18.28
CA LEU C 65 -22.13 26.52 17.31
C LEU C 65 -22.67 26.86 15.92
N MET C 66 -23.94 27.26 15.84
CA MET C 66 -24.52 27.58 14.55
C MET C 66 -23.92 28.84 13.96
N ALA C 67 -23.60 29.83 14.81
CA ALA C 67 -22.92 31.02 14.32
C ALA C 67 -21.55 30.69 13.76
N TYR C 68 -20.79 29.84 14.46
CA TYR C 68 -19.48 29.41 13.96
C TYR C 68 -19.62 28.69 12.63
N CYS C 69 -20.59 27.78 12.53
CA CYS C 69 -20.79 27.03 11.29
C CYS C 69 -21.16 27.95 10.14
N GLU C 70 -22.04 28.91 10.39
CA GLU C 70 -22.45 29.84 9.34
C GLU C 70 -21.29 30.74 8.92
N ALA C 71 -20.50 31.21 9.89
CA ALA C 71 -19.44 32.16 9.58
C ALA C 71 -18.28 31.47 8.84
N HIS C 72 -17.93 30.26 9.22
CA HIS C 72 -16.76 29.60 8.66
C HIS C 72 -17.07 28.74 7.43
N ALA C 73 -18.31 28.72 6.97
CA ALA C 73 -18.67 27.96 5.76
C ALA C 73 -18.57 28.83 4.52
N LYS C 74 -17.45 29.50 4.34
CA LYS C 74 -17.23 30.37 3.19
C LYS C 74 -16.02 29.97 2.36
N GLU C 75 -14.88 29.72 3.00
CA GLU C 75 -13.62 29.47 2.29
C GLU C 75 -13.29 27.99 2.16
N ASP C 76 -13.71 27.16 3.11
CA ASP C 76 -13.35 25.76 3.08
C ASP C 76 -14.05 25.01 1.95
N PRO C 77 -13.45 23.91 1.49
CA PRO C 77 -14.10 23.09 0.46
C PRO C 77 -15.09 22.10 1.07
N LEU C 78 -15.63 21.21 0.24
CA LEU C 78 -16.60 20.17 0.59
C LEU C 78 -17.98 20.75 0.94
N LEU C 79 -18.15 22.07 0.91
CA LEU C 79 -19.44 22.70 1.11
C LEU C 79 -20.06 23.18 -0.19
N THR C 80 -19.28 23.87 -1.03
CA THR C 80 -19.68 24.32 -2.33
C THR C 80 -18.69 23.83 -3.37
N PRO C 81 -19.14 23.62 -4.62
CA PRO C 81 -18.22 23.13 -5.65
C PRO C 81 -17.11 24.13 -5.95
N VAL C 82 -15.88 23.77 -5.60
CA VAL C 82 -14.71 24.61 -5.84
C VAL C 82 -14.39 24.57 -7.33
N PRO C 83 -13.96 25.67 -7.94
CA PRO C 83 -13.53 25.62 -9.33
C PRO C 83 -12.28 24.76 -9.51
N ALA C 84 -12.19 24.13 -10.68
CA ALA C 84 -11.06 23.23 -10.95
C ALA C 84 -9.75 23.97 -11.03
N SER C 85 -9.78 25.27 -11.35
CA SER C 85 -8.56 26.05 -11.43
C SER C 85 -7.87 26.16 -10.07
N GLU C 86 -8.65 26.36 -9.02
CA GLU C 86 -8.10 26.48 -7.67
C GLU C 86 -7.87 25.13 -7.00
N ASN C 87 -8.28 24.03 -7.64
CA ASN C 87 -8.10 22.72 -7.05
C ASN C 87 -6.60 22.38 -6.99
N PRO C 88 -6.13 21.80 -5.88
CA PRO C 88 -4.70 21.43 -5.81
C PRO C 88 -4.29 20.42 -6.86
N PHE C 89 -5.19 19.52 -7.26
CA PHE C 89 -4.90 18.52 -8.28
C PHE C 89 -5.93 18.61 -9.39
N ARG C 90 -5.46 18.41 -10.63
CA ARG C 90 -6.36 18.50 -11.79
C ARG C 90 -7.40 17.39 -11.76
N GLU C 91 -6.98 16.18 -11.42
CA GLU C 91 -7.91 15.04 -11.38
C GLU C 91 -7.38 13.94 -10.46
N LEU D 59 -32.98 -18.32 -46.09
CA LEU D 59 -33.60 -19.21 -45.12
C LEU D 59 -32.57 -19.76 -44.14
N LYS D 60 -32.07 -20.97 -44.43
CA LYS D 60 -31.06 -21.57 -43.56
C LYS D 60 -29.78 -20.75 -43.54
N LEU D 61 -29.38 -20.20 -44.69
CA LEU D 61 -28.17 -19.38 -44.74
C LEU D 61 -28.30 -18.13 -43.90
N VAL D 62 -29.49 -17.51 -43.91
CA VAL D 62 -29.68 -16.27 -43.16
C VAL D 62 -29.55 -16.53 -41.65
N LEU D 63 -30.22 -17.59 -41.16
CA LEU D 63 -30.13 -17.89 -39.73
C LEU D 63 -28.74 -18.36 -39.35
N LYS D 64 -28.06 -19.09 -40.24
CA LYS D 64 -26.68 -19.50 -39.98
C LYS D 64 -25.78 -18.28 -39.82
N THR D 65 -25.89 -17.32 -40.76
CA THR D 65 -25.08 -16.11 -40.70
C THR D 65 -25.40 -15.30 -39.44
N LEU D 66 -26.69 -15.24 -39.07
CA LEU D 66 -27.05 -14.57 -37.83
C LEU D 66 -26.40 -15.24 -36.63
N ALA D 67 -26.36 -16.57 -36.63
CA ALA D 67 -25.70 -17.29 -35.55
C ALA D 67 -24.21 -16.98 -35.49
N LEU D 68 -23.54 -16.97 -36.65
CA LEU D 68 -22.11 -16.63 -36.66
C LEU D 68 -21.89 -15.22 -36.12
N VAL D 69 -22.72 -14.27 -36.54
CA VAL D 69 -22.59 -12.89 -36.06
C VAL D 69 -22.80 -12.84 -34.55
N THR D 70 -23.80 -13.57 -34.05
CA THR D 70 -24.09 -13.55 -32.62
C THR D 70 -22.93 -14.11 -31.81
N ILE D 71 -22.37 -15.25 -32.23
CA ILE D 71 -21.27 -15.82 -31.46
C ILE D 71 -20.02 -14.94 -31.55
N ILE D 72 -19.78 -14.33 -32.73
CA ILE D 72 -18.62 -13.45 -32.86
C ILE D 72 -18.76 -12.26 -31.93
N SER D 73 -19.94 -11.64 -31.93
CA SER D 73 -20.18 -10.46 -31.10
C SER D 73 -20.09 -10.80 -29.62
N SER D 74 -20.68 -11.92 -29.21
CA SER D 74 -20.59 -12.31 -27.81
C SER D 74 -19.15 -12.58 -27.40
N ALA D 75 -18.37 -13.23 -28.27
CA ALA D 75 -16.98 -13.50 -27.96
C ALA D 75 -16.20 -12.21 -27.76
N VAL D 76 -16.29 -11.28 -28.71
CA VAL D 76 -15.49 -10.06 -28.61
C VAL D 76 -15.95 -9.24 -27.42
N PHE D 77 -17.27 -9.15 -27.20
CA PHE D 77 -17.79 -8.36 -26.09
C PHE D 77 -17.32 -8.91 -24.75
N GLY D 78 -17.46 -10.23 -24.55
CA GLY D 78 -17.03 -10.82 -23.30
C GLY D 78 -15.55 -10.69 -23.06
N ASN D 79 -14.74 -10.93 -24.10
CA ASN D 79 -13.30 -10.84 -23.93
C ASN D 79 -12.86 -9.41 -23.63
N LEU D 80 -13.38 -8.44 -24.37
CA LEU D 80 -13.05 -7.05 -24.09
C LEU D 80 -13.51 -6.66 -22.69
N LEU D 81 -14.67 -7.16 -22.27
CA LEU D 81 -15.18 -6.83 -20.94
C LEU D 81 -14.26 -7.36 -19.85
N VAL D 82 -13.80 -8.61 -19.98
CA VAL D 82 -12.97 -9.17 -18.91
C VAL D 82 -11.61 -8.49 -18.88
N VAL D 83 -11.00 -8.24 -20.06
CA VAL D 83 -9.71 -7.56 -20.06
C VAL D 83 -9.83 -6.14 -19.50
N THR D 84 -10.88 -5.41 -19.88
CA THR D 84 -11.07 -4.07 -19.37
C THR D 84 -11.31 -4.07 -17.86
N SER D 85 -12.09 -5.03 -17.37
CA SER D 85 -12.35 -5.13 -15.94
C SER D 85 -11.07 -5.41 -15.18
N VAL D 86 -10.22 -6.31 -15.69
CA VAL D 86 -8.98 -6.62 -15.01
C VAL D 86 -8.05 -5.41 -15.03
N ILE D 87 -7.94 -4.73 -16.17
CA ILE D 87 -7.05 -3.58 -16.28
C ILE D 87 -7.49 -2.47 -15.34
N ARG D 88 -8.80 -2.19 -15.30
CA ARG D 88 -9.31 -1.15 -14.41
C ARG D 88 -9.12 -1.54 -12.95
N HIS D 89 -9.36 -2.81 -12.62
CA HIS D 89 -9.27 -3.28 -11.24
C HIS D 89 -7.81 -3.60 -10.93
N HIS D 90 -7.10 -2.63 -10.34
CA HIS D 90 -5.70 -2.84 -9.98
C HIS D 90 -5.54 -3.77 -8.78
N LYS D 91 -6.64 -4.10 -8.08
CA LYS D 91 -6.58 -5.02 -6.96
C LYS D 91 -6.54 -6.48 -7.41
N LEU D 92 -6.71 -6.75 -8.70
CA LEU D 92 -6.75 -8.10 -9.23
C LEU D 92 -5.50 -8.41 -10.07
N ARG D 93 -4.35 -7.92 -9.64
CA ARG D 93 -3.08 -8.17 -10.34
C ARG D 93 -2.47 -9.46 -9.79
N ILE D 94 -3.10 -10.58 -10.14
CA ILE D 94 -2.69 -11.89 -9.69
C ILE D 94 -2.17 -12.68 -10.90
N THR D 95 -1.26 -13.61 -10.62
CA THR D 95 -0.69 -14.44 -11.69
C THR D 95 -1.77 -15.22 -12.41
N THR D 96 -2.73 -15.78 -11.66
CA THR D 96 -3.87 -16.45 -12.29
C THR D 96 -4.67 -15.46 -13.15
N ASN D 97 -4.85 -14.24 -12.66
CA ASN D 97 -5.49 -13.20 -13.46
C ASN D 97 -4.66 -12.85 -14.68
N TYR D 98 -3.33 -12.87 -14.57
CA TYR D 98 -2.47 -12.65 -15.74
C TYR D 98 -2.70 -13.73 -16.78
N PHE D 99 -2.77 -15.00 -16.35
CA PHE D 99 -3.04 -16.08 -17.29
C PHE D 99 -4.42 -15.93 -17.92
N ILE D 100 -5.41 -15.52 -17.13
CA ILE D 100 -6.76 -15.33 -17.65
C ILE D 100 -6.77 -14.22 -18.70
N VAL D 101 -6.05 -13.12 -18.43
CA VAL D 101 -6.00 -12.02 -19.39
C VAL D 101 -5.30 -12.45 -20.67
N SER D 102 -4.20 -13.20 -20.55
CA SER D 102 -3.52 -13.68 -21.74
C SER D 102 -4.42 -14.60 -22.57
N LEU D 103 -5.14 -15.50 -21.91
CA LEU D 103 -6.07 -16.38 -22.61
C LEU D 103 -7.18 -15.58 -23.28
N ALA D 104 -7.69 -14.56 -22.58
CA ALA D 104 -8.75 -13.72 -23.17
C ALA D 104 -8.26 -12.99 -24.40
N LEU D 105 -7.03 -12.47 -24.35
CA LEU D 105 -6.46 -11.82 -25.54
C LEU D 105 -6.27 -12.81 -26.67
N ALA D 106 -5.84 -14.03 -26.34
CA ALA D 106 -5.67 -15.07 -27.36
C ALA D 106 -7.01 -15.38 -28.03
N ASP D 107 -8.07 -15.54 -27.24
CA ASP D 107 -9.39 -15.79 -27.82
C ASP D 107 -9.91 -14.59 -28.59
N THR D 108 -9.59 -13.38 -28.15
CA THR D 108 -9.99 -12.18 -28.89
C THR D 108 -9.36 -12.18 -30.28
N LEU D 109 -8.07 -12.50 -30.35
CA LEU D 109 -7.40 -12.60 -31.65
C LEU D 109 -7.98 -13.74 -32.48
N VAL D 110 -8.24 -14.89 -31.84
CA VAL D 110 -8.87 -16.02 -32.52
C VAL D 110 -10.14 -15.57 -33.21
N ALA D 111 -11.04 -14.95 -32.46
CA ALA D 111 -12.29 -14.44 -33.03
C ALA D 111 -11.98 -13.47 -34.16
N LEU D 112 -11.36 -12.34 -33.81
CA LEU D 112 -11.25 -11.20 -34.72
C LEU D 112 -10.52 -11.54 -36.02
N PHE D 113 -9.70 -12.60 -36.05
CA PHE D 113 -9.10 -13.00 -37.32
C PHE D 113 -9.83 -14.21 -37.93
N ALA D 114 -9.81 -15.35 -37.25
CA ALA D 114 -10.26 -16.58 -37.87
C ALA D 114 -11.78 -16.61 -38.04
N MET D 115 -12.52 -16.20 -37.00
CA MET D 115 -13.98 -16.29 -37.10
C MET D 115 -14.50 -15.36 -38.19
N THR D 116 -13.98 -14.14 -38.25
CA THR D 116 -14.41 -13.20 -39.28
C THR D 116 -14.01 -13.69 -40.67
N PHE D 117 -12.78 -14.20 -40.83
CA PHE D 117 -12.36 -14.67 -42.15
C PHE D 117 -13.22 -15.84 -42.61
N ASN D 118 -13.48 -16.80 -41.72
CA ASN D 118 -14.27 -17.97 -42.12
C ASN D 118 -15.72 -17.61 -42.35
N ALA D 119 -16.26 -16.66 -41.57
CA ALA D 119 -17.62 -16.20 -41.79
C ALA D 119 -17.74 -15.51 -43.15
N SER D 120 -16.77 -14.68 -43.50
CA SER D 120 -16.78 -14.07 -44.84
C SER D 120 -16.66 -15.14 -45.92
N VAL D 121 -15.86 -16.18 -45.67
CA VAL D 121 -15.69 -17.25 -46.64
C VAL D 121 -17.02 -17.96 -46.90
N THR D 122 -17.74 -18.30 -45.82
CA THR D 122 -18.99 -19.04 -46.02
C THR D 122 -20.11 -18.14 -46.53
N ILE D 123 -20.08 -16.85 -46.19
CA ILE D 123 -21.09 -15.93 -46.72
C ILE D 123 -20.90 -15.74 -48.21
N SER D 124 -19.65 -15.48 -48.64
CA SER D 124 -19.39 -15.28 -50.06
C SER D 124 -19.43 -16.59 -50.83
N GLY D 125 -19.02 -17.69 -50.21
CA GLY D 125 -18.95 -18.97 -50.89
C GLY D 125 -17.72 -19.16 -51.75
N ARG D 126 -16.80 -18.20 -51.78
CA ARG D 126 -15.59 -18.29 -52.58
C ARG D 126 -14.56 -17.34 -52.00
N TRP D 127 -13.32 -17.50 -52.47
CA TRP D 127 -12.21 -16.68 -52.02
C TRP D 127 -11.99 -15.54 -53.01
N LEU D 128 -12.09 -14.31 -52.52
CA LEU D 128 -11.93 -13.12 -53.35
C LEU D 128 -10.58 -12.45 -53.13
N PHE D 129 -9.61 -13.20 -52.58
CA PHE D 129 -8.28 -12.65 -52.33
C PHE D 129 -7.21 -13.51 -52.97
N ASN D 130 -5.95 -13.23 -52.68
CA ASN D 130 -4.82 -13.95 -53.25
C ASN D 130 -4.37 -15.06 -52.29
N GLN D 131 -3.38 -15.84 -52.76
CA GLN D 131 -2.90 -16.97 -51.97
C GLN D 131 -2.22 -16.52 -50.68
N THR D 132 -1.50 -15.40 -50.73
CA THR D 132 -0.80 -14.91 -49.55
C THR D 132 -1.78 -14.55 -48.44
N VAL D 133 -2.93 -13.98 -48.80
CA VAL D 133 -3.94 -13.63 -47.80
C VAL D 133 -4.46 -14.89 -47.11
N CYS D 134 -4.76 -15.93 -47.89
CA CYS D 134 -5.24 -17.18 -47.30
C CYS D 134 -4.18 -17.81 -46.41
N ASP D 135 -2.92 -17.80 -46.85
CA ASP D 135 -1.84 -18.35 -46.03
C ASP D 135 -1.69 -17.56 -44.73
N PHE D 136 -1.79 -16.23 -44.80
CA PHE D 136 -1.70 -15.41 -43.60
C PHE D 136 -2.85 -15.71 -42.65
N TRP D 137 -4.06 -15.85 -43.18
CA TRP D 137 -5.21 -16.17 -42.34
C TRP D 137 -5.02 -17.52 -41.66
N ASN D 138 -4.55 -18.52 -42.40
CA ASN D 138 -4.29 -19.82 -41.81
C ASN D 138 -3.22 -19.74 -40.72
N SER D 139 -2.17 -18.95 -40.98
CA SER D 139 -1.09 -18.82 -40.00
C SER D 139 -1.61 -18.21 -38.70
N CYS D 140 -2.36 -17.11 -38.80
CA CYS D 140 -2.91 -16.51 -37.58
C CYS D 140 -3.89 -17.45 -36.88
N ASP D 141 -4.72 -18.16 -37.65
CA ASP D 141 -5.66 -19.10 -37.05
C ASP D 141 -4.91 -20.14 -36.22
N VAL D 142 -3.91 -20.78 -36.83
CA VAL D 142 -3.15 -21.82 -36.14
C VAL D 142 -2.45 -21.25 -34.92
N LEU D 143 -1.78 -20.09 -35.09
CA LEU D 143 -1.01 -19.51 -33.99
C LEU D 143 -1.90 -19.17 -32.81
N PHE D 144 -3.03 -18.52 -33.06
CA PHE D 144 -3.89 -18.07 -31.98
C PHE D 144 -4.59 -19.24 -31.32
N SER D 145 -5.03 -20.23 -32.10
CA SER D 145 -5.64 -21.42 -31.51
C SER D 145 -4.65 -22.16 -30.62
N THR D 146 -3.42 -22.36 -31.11
CA THR D 146 -2.42 -23.03 -30.30
C THR D 146 -2.11 -22.24 -29.03
N ALA D 147 -2.04 -20.91 -29.15
CA ALA D 147 -1.81 -20.08 -27.98
C ALA D 147 -2.93 -20.26 -26.96
N SER D 148 -4.18 -20.33 -27.43
CA SER D 148 -5.30 -20.55 -26.52
C SER D 148 -5.19 -21.90 -25.80
N ILE D 149 -4.83 -22.96 -26.54
CA ILE D 149 -4.72 -24.28 -25.92
C ILE D 149 -3.59 -24.30 -24.89
N MET D 150 -2.43 -23.72 -25.22
CA MET D 150 -1.35 -23.71 -24.23
C MET D 150 -1.67 -22.80 -23.06
N HIS D 151 -2.47 -21.75 -23.26
CA HIS D 151 -2.92 -20.94 -22.12
C HIS D 151 -3.82 -21.75 -21.21
N LEU D 152 -4.73 -22.55 -21.78
CA LEU D 152 -5.55 -23.44 -20.96
C LEU D 152 -4.68 -24.43 -20.20
N CYS D 153 -3.68 -24.99 -20.86
CA CYS D 153 -2.79 -25.95 -20.20
C CYS D 153 -2.01 -25.28 -19.07
N CYS D 154 -1.54 -24.05 -19.28
CA CYS D 154 -0.82 -23.32 -18.24
C CYS D 154 -1.72 -23.01 -17.06
N ILE D 155 -2.99 -22.64 -17.32
CA ILE D 155 -3.92 -22.39 -16.23
C ILE D 155 -4.15 -23.67 -15.42
N SER D 156 -4.31 -24.81 -16.11
CA SER D 156 -4.48 -26.07 -15.41
C SER D 156 -3.25 -26.43 -14.59
N VAL D 157 -2.06 -26.19 -15.14
CA VAL D 157 -0.82 -26.46 -14.41
C VAL D 157 -0.72 -25.59 -13.17
N ASP D 158 -1.09 -24.31 -13.31
CA ASP D 158 -1.07 -23.39 -12.16
C ASP D 158 -2.02 -23.88 -11.08
N ARG D 159 -3.24 -24.29 -11.46
CA ARG D 159 -4.19 -24.80 -10.49
C ARG D 159 -3.67 -26.07 -9.82
N TYR D 160 -3.07 -26.97 -10.61
CA TYR D 160 -2.53 -28.21 -10.05
C TYR D 160 -1.43 -27.94 -9.05
N TYR D 161 -0.53 -27.00 -9.37
CA TYR D 161 0.55 -26.68 -8.44
C TYR D 161 0.03 -25.95 -7.21
N ALA D 162 -1.04 -25.18 -7.35
CA ALA D 162 -1.60 -24.49 -6.19
C ALA D 162 -2.37 -25.45 -5.28
N ILE D 163 -2.91 -26.52 -5.83
CA ILE D 163 -3.71 -27.45 -5.03
C ILE D 163 -2.83 -28.55 -4.43
N ILE D 164 -2.03 -29.22 -5.26
CA ILE D 164 -1.20 -30.34 -4.78
C ILE D 164 -0.16 -29.85 -3.78
N LYS D 165 0.49 -28.73 -4.08
CA LYS D 165 1.56 -28.16 -3.25
C LYS D 165 1.19 -26.72 -2.91
N PRO D 166 0.26 -26.52 -1.98
CA PRO D 166 -0.19 -25.15 -1.68
C PRO D 166 0.76 -24.37 -0.78
N LEU D 167 1.48 -25.09 0.09
CA LEU D 167 2.36 -24.42 1.04
C LEU D 167 3.50 -23.69 0.34
N GLU D 168 4.09 -24.33 -0.68
CA GLU D 168 5.17 -23.72 -1.45
C GLU D 168 4.70 -23.18 -2.80
N TYR D 169 3.38 -23.06 -2.99
CA TYR D 169 2.87 -22.50 -4.24
C TYR D 169 3.33 -21.05 -4.46
N PRO D 170 3.24 -20.13 -3.49
CA PRO D 170 3.75 -18.78 -3.75
C PRO D 170 5.24 -18.74 -4.05
N THR D 171 6.03 -19.63 -3.44
CA THR D 171 7.46 -19.64 -3.70
C THR D 171 7.77 -20.23 -5.07
N LYS D 172 7.11 -21.34 -5.43
CA LYS D 172 7.42 -22.01 -6.68
C LYS D 172 6.87 -21.28 -7.90
N ILE D 173 5.73 -20.60 -7.76
CA ILE D 173 5.12 -19.85 -8.85
C ILE D 173 5.23 -18.37 -8.53
N THR D 174 5.87 -17.61 -9.42
CA THR D 174 6.08 -16.18 -9.25
C THR D 174 5.85 -15.50 -10.59
N GLY D 175 5.93 -14.17 -10.60
CA GLY D 175 5.76 -13.44 -11.85
C GLY D 175 6.78 -13.83 -12.90
N ARG D 176 8.02 -14.08 -12.48
CA ARG D 176 9.04 -14.53 -13.42
C ARG D 176 8.67 -15.87 -14.03
N THR D 177 8.19 -16.81 -13.21
CA THR D 177 7.79 -18.11 -13.73
C THR D 177 6.62 -17.98 -14.69
N VAL D 178 5.63 -17.17 -14.35
CA VAL D 178 4.46 -16.98 -15.21
C VAL D 178 4.88 -16.38 -16.55
N ALA D 179 5.76 -15.38 -16.51
CA ALA D 179 6.29 -14.80 -17.74
C ALA D 179 7.05 -15.84 -18.55
N ILE D 180 7.78 -16.72 -17.87
CA ILE D 180 8.53 -17.78 -18.58
C ILE D 180 7.57 -18.70 -19.32
N MET D 181 6.51 -19.16 -18.64
CA MET D 181 5.56 -20.05 -19.31
C MET D 181 4.85 -19.34 -20.45
N LEU D 182 4.45 -18.07 -20.25
CA LEU D 182 3.76 -17.35 -21.31
C LEU D 182 4.66 -17.18 -22.53
N THR D 183 5.92 -16.79 -22.31
CA THR D 183 6.85 -16.62 -23.42
C THR D 183 7.10 -17.95 -24.13
N CYS D 184 7.26 -19.03 -23.36
CA CYS D 184 7.49 -20.33 -23.99
C CYS D 184 6.31 -20.76 -24.84
N ALA D 185 5.08 -20.58 -24.32
CA ALA D 185 3.90 -20.96 -25.07
C ALA D 185 3.77 -20.14 -26.35
N TRP D 186 3.95 -18.82 -26.24
CA TRP D 186 3.85 -17.96 -27.42
C TRP D 186 4.91 -18.31 -28.46
N VAL D 187 6.14 -18.54 -28.01
CA VAL D 187 7.23 -18.88 -28.93
C VAL D 187 6.95 -20.21 -29.62
N SER D 188 6.49 -21.21 -28.86
CA SER D 188 6.19 -22.51 -29.46
C SER D 188 5.07 -22.40 -30.49
N SER D 189 4.00 -21.65 -30.15
CA SER D 189 2.90 -21.49 -31.09
C SER D 189 3.35 -20.78 -32.35
N GLY D 190 4.14 -19.71 -32.21
CA GLY D 190 4.67 -19.04 -33.39
C GLY D 190 5.53 -19.95 -34.23
N LEU D 191 6.39 -20.74 -33.58
CA LEU D 191 7.27 -21.64 -34.31
C LEU D 191 6.49 -22.68 -35.09
N ILE D 192 5.46 -23.27 -34.49
CA ILE D 192 4.70 -24.30 -35.23
C ILE D 192 3.88 -23.66 -36.34
N SER D 193 3.35 -22.46 -36.11
CA SER D 193 2.39 -21.89 -37.06
C SER D 193 3.04 -21.10 -38.19
N PHE D 194 3.77 -20.03 -37.84
CA PHE D 194 4.17 -19.04 -38.85
C PHE D 194 5.24 -19.59 -39.78
N ILE D 195 6.27 -20.23 -39.23
CA ILE D 195 7.46 -20.58 -40.00
C ILE D 195 7.17 -21.66 -41.04
N PRO D 196 6.69 -22.85 -40.66
CA PRO D 196 6.52 -23.91 -41.68
C PRO D 196 5.49 -23.55 -42.74
N ILE D 197 4.43 -22.83 -42.38
CA ILE D 197 3.42 -22.46 -43.36
C ILE D 197 3.98 -21.45 -44.36
N PHE D 198 4.71 -20.44 -43.85
CA PHE D 198 5.21 -19.39 -44.73
C PHE D 198 6.34 -19.89 -45.63
N LEU D 199 7.27 -20.68 -45.08
CA LEU D 199 8.44 -21.04 -45.86
C LEU D 199 8.10 -22.08 -46.94
N GLY D 200 7.22 -23.04 -46.62
CA GLY D 200 6.75 -23.98 -47.63
C GLY D 200 6.82 -25.44 -47.27
N TRP D 201 7.36 -25.81 -46.10
CA TRP D 201 7.38 -27.22 -45.72
C TRP D 201 5.99 -27.74 -45.37
N TYR D 202 5.02 -26.86 -45.14
CA TYR D 202 3.70 -27.30 -44.69
C TYR D 202 2.89 -27.93 -45.82
N THR D 203 3.28 -27.74 -47.06
CA THR D 203 2.54 -28.23 -48.22
C THR D 203 3.41 -29.20 -49.03
N THR D 204 2.87 -29.62 -50.17
CA THR D 204 3.58 -30.50 -51.09
C THR D 204 3.59 -29.86 -52.48
N ASN D 205 4.23 -30.54 -53.43
CA ASN D 205 4.36 -30.00 -54.77
C ASN D 205 3.01 -29.97 -55.50
N GLU D 206 2.25 -31.06 -55.41
CA GLU D 206 0.98 -31.13 -56.12
C GLU D 206 -0.02 -30.11 -55.60
N HIS D 207 -0.07 -29.91 -54.28
CA HIS D 207 -0.99 -28.93 -53.71
C HIS D 207 -0.61 -27.52 -54.15
N LEU D 208 0.68 -27.20 -54.17
CA LEU D 208 1.12 -25.89 -54.64
C LEU D 208 0.79 -25.69 -56.10
N VAL D 209 0.99 -26.73 -56.92
CA VAL D 209 0.67 -26.63 -58.34
C VAL D 209 -0.83 -26.40 -58.53
N TYR D 210 -1.66 -27.12 -57.78
CA TYR D 210 -3.11 -26.92 -57.88
C TYR D 210 -3.51 -25.52 -57.43
N LYS D 211 -2.89 -25.02 -56.36
CA LYS D 211 -3.21 -23.67 -55.90
C LYS D 211 -2.80 -22.62 -56.94
N VAL D 212 -1.65 -22.80 -57.57
CA VAL D 212 -1.23 -21.87 -58.61
C VAL D 212 -2.18 -21.93 -59.80
N GLU D 213 -2.58 -23.14 -60.19
CA GLU D 213 -3.49 -23.29 -61.32
C GLU D 213 -4.89 -22.77 -61.00
N HIS D 214 -5.34 -22.93 -59.74
CA HIS D 214 -6.68 -22.50 -59.31
C HIS D 214 -6.53 -21.44 -58.23
N PRO D 215 -6.53 -20.17 -58.60
CA PRO D 215 -6.43 -19.09 -57.61
C PRO D 215 -7.75 -18.61 -57.05
N ASP D 216 -8.88 -19.12 -57.56
CA ASP D 216 -10.18 -18.65 -57.09
C ASP D 216 -10.50 -19.17 -55.69
N GLU D 217 -9.99 -20.34 -55.33
CA GLU D 217 -10.25 -20.94 -54.03
C GLU D 217 -8.95 -21.44 -53.41
N CYS D 218 -8.89 -21.41 -52.08
CA CYS D 218 -7.77 -21.93 -51.32
C CYS D 218 -8.26 -22.97 -50.33
N ILE D 219 -7.54 -24.09 -50.24
CA ILE D 219 -7.90 -25.20 -49.37
C ILE D 219 -6.72 -25.46 -48.43
N PHE D 220 -7.02 -25.57 -47.13
CA PHE D 220 -5.99 -25.79 -46.12
C PHE D 220 -5.80 -27.30 -45.94
N VAL D 221 -5.04 -27.88 -46.86
CA VAL D 221 -4.68 -29.30 -46.82
C VAL D 221 -3.16 -29.39 -46.72
N VAL D 222 -2.67 -30.18 -45.77
CA VAL D 222 -1.25 -30.24 -45.45
C VAL D 222 -0.77 -31.68 -45.54
N ASN D 223 0.56 -31.83 -45.53
CA ASN D 223 1.18 -33.15 -45.60
C ASN D 223 0.97 -33.91 -44.29
N LYS D 224 0.99 -35.24 -44.40
CA LYS D 224 0.68 -36.09 -43.25
C LYS D 224 1.67 -35.95 -42.10
N PRO D 225 2.99 -36.00 -42.30
CA PRO D 225 3.90 -35.78 -41.15
C PRO D 225 3.72 -34.43 -40.48
N TYR D 226 3.53 -33.36 -41.26
CA TYR D 226 3.31 -32.05 -40.65
C TYR D 226 2.02 -32.04 -39.84
N ALA D 227 0.96 -32.64 -40.40
CA ALA D 227 -0.32 -32.68 -39.70
C ALA D 227 -0.18 -33.45 -38.39
N ILE D 228 0.52 -34.58 -38.41
CA ILE D 228 0.69 -35.38 -37.20
C ILE D 228 1.47 -34.60 -36.16
N ILE D 229 2.58 -33.98 -36.56
CA ILE D 229 3.42 -33.25 -35.60
C ILE D 229 2.65 -32.07 -35.02
N SER D 230 1.98 -31.31 -35.89
CA SER D 230 1.25 -30.12 -35.44
C SER D 230 0.11 -30.50 -34.51
N SER D 231 -0.67 -31.54 -34.86
CA SER D 231 -1.73 -31.99 -33.98
C SER D 231 -1.16 -32.45 -32.64
N SER D 232 -0.04 -33.18 -32.67
CA SER D 232 0.63 -33.60 -31.45
C SER D 232 0.90 -32.40 -30.54
N VAL D 233 1.70 -31.45 -31.03
CA VAL D 233 2.14 -30.35 -30.17
C VAL D 233 0.96 -29.50 -29.74
N SER D 234 -0.03 -29.30 -30.62
CA SER D 234 -1.13 -28.41 -30.31
C SER D 234 -2.08 -29.02 -29.28
N PHE D 235 -2.39 -30.31 -29.41
CA PHE D 235 -3.45 -30.91 -28.60
C PHE D 235 -2.95 -32.00 -27.68
N TRP D 236 -2.21 -32.99 -28.19
CA TRP D 236 -2.03 -34.24 -27.46
C TRP D 236 -1.25 -34.04 -26.18
N ILE D 237 -0.22 -33.21 -26.21
CA ILE D 237 0.56 -32.92 -25.00
C ILE D 237 -0.25 -32.02 -24.07
N PRO D 238 -0.77 -30.87 -24.51
CA PRO D 238 -1.59 -30.06 -23.60
C PRO D 238 -2.81 -30.78 -23.07
N CYS D 239 -3.49 -31.59 -23.90
CA CYS D 239 -4.66 -32.31 -23.42
C CYS D 239 -4.29 -33.36 -22.39
N CYS D 240 -3.19 -34.09 -22.62
CA CYS D 240 -2.76 -35.08 -21.64
C CYS D 240 -2.36 -34.43 -20.32
N ILE D 241 -1.64 -33.32 -20.39
CA ILE D 241 -1.24 -32.61 -19.17
C ILE D 241 -2.46 -32.11 -18.43
N MET D 242 -3.42 -31.53 -19.15
CA MET D 242 -4.63 -31.03 -18.53
C MET D 242 -5.42 -32.16 -17.87
N LEU D 243 -5.55 -33.29 -18.56
CA LEU D 243 -6.29 -34.41 -18.01
C LEU D 243 -5.62 -34.95 -16.76
N PHE D 244 -4.29 -35.10 -16.78
CA PHE D 244 -3.57 -35.61 -15.61
C PHE D 244 -3.73 -34.66 -14.42
N THR D 245 -3.51 -33.36 -14.65
CA THR D 245 -3.61 -32.39 -13.56
C THR D 245 -5.03 -32.34 -13.01
N TYR D 246 -6.03 -32.36 -13.89
CA TYR D 246 -7.41 -32.30 -13.45
C TYR D 246 -7.80 -33.54 -12.67
N TRP D 247 -7.33 -34.72 -13.10
CA TRP D 247 -7.59 -35.93 -12.35
C TRP D 247 -6.98 -35.86 -10.96
N ARG D 248 -5.74 -35.36 -10.85
CA ARG D 248 -5.10 -35.25 -9.54
C ARG D 248 -5.86 -34.29 -8.63
N ILE D 249 -6.24 -33.12 -9.15
CA ILE D 249 -6.92 -32.17 -8.28
C ILE D 249 -8.31 -32.66 -7.93
N TYR D 250 -8.98 -33.38 -8.85
CA TYR D 250 -10.28 -33.94 -8.54
C TYR D 250 -10.18 -35.01 -7.45
N VAL D 251 -9.17 -35.87 -7.51
CA VAL D 251 -9.02 -36.88 -6.46
C VAL D 251 -8.66 -36.22 -5.14
N GLU D 252 -7.87 -35.14 -5.18
CA GLU D 252 -7.59 -34.40 -3.95
C GLU D 252 -8.87 -33.82 -3.35
N ALA D 253 -9.72 -33.23 -4.18
CA ALA D 253 -10.98 -32.67 -3.70
C ALA D 253 -11.88 -33.76 -3.15
N THR D 254 -11.91 -34.93 -3.81
CA THR D 254 -12.72 -36.03 -3.31
C THR D 254 -12.24 -36.50 -1.94
N ARG D 255 -10.92 -36.64 -1.78
CA ARG D 255 -10.39 -37.05 -0.48
C ARG D 255 -10.69 -36.00 0.59
N GLN D 256 -10.55 -34.72 0.26
CA GLN D 256 -10.84 -33.66 1.23
C GLN D 256 -12.32 -33.67 1.63
N GLU D 257 -13.21 -33.87 0.66
CA GLU D 257 -14.64 -33.93 0.96
C GLU D 257 -14.97 -35.14 1.82
N LYS D 258 -14.34 -36.28 1.54
CA LYS D 258 -14.57 -37.47 2.35
C LYS D 258 -14.07 -37.27 3.78
N MET D 259 -12.91 -36.63 3.94
CA MET D 259 -12.37 -36.37 5.26
C MET D 259 -13.16 -35.31 6.01
N LEU D 260 -13.84 -34.41 5.30
CA LEU D 260 -14.62 -33.37 5.96
C LEU D 260 -15.76 -33.97 6.78
N CYS D 261 -16.44 -34.97 6.23
CA CYS D 261 -17.55 -35.61 6.92
C CYS D 261 -17.04 -36.53 8.04
N LYS D 315 -20.36 -28.93 -6.46
CA LYS D 315 -19.34 -29.94 -6.12
C LYS D 315 -18.16 -29.88 -7.09
N ALA D 316 -17.04 -30.47 -6.67
CA ALA D 316 -15.86 -30.51 -7.52
C ALA D 316 -16.11 -31.33 -8.78
N ALA D 317 -16.81 -32.46 -8.63
CA ALA D 317 -17.06 -33.34 -9.77
C ALA D 317 -17.84 -32.64 -10.87
N LYS D 318 -18.87 -31.88 -10.49
CA LYS D 318 -19.69 -31.20 -11.50
C LYS D 318 -18.87 -30.18 -12.29
N THR D 319 -18.09 -29.35 -11.59
CA THR D 319 -17.28 -28.35 -12.27
C THR D 319 -16.23 -29.00 -13.15
N LEU D 320 -15.55 -30.01 -12.64
CA LEU D 320 -14.51 -30.69 -13.42
C LEU D 320 -15.10 -31.34 -14.66
N GLY D 321 -16.25 -32.01 -14.52
CA GLY D 321 -16.89 -32.61 -15.67
C GLY D 321 -17.36 -31.58 -16.68
N ILE D 322 -17.88 -30.45 -16.21
CA ILE D 322 -18.32 -29.39 -17.12
C ILE D 322 -17.15 -28.88 -17.93
N ILE D 323 -16.02 -28.60 -17.27
CA ILE D 323 -14.85 -28.08 -17.96
C ILE D 323 -14.31 -29.11 -18.95
N MET D 324 -14.22 -30.37 -18.52
CA MET D 324 -13.69 -31.42 -19.38
C MET D 324 -14.59 -31.62 -20.60
N GLY D 325 -15.91 -31.59 -20.41
CA GLY D 325 -16.81 -31.69 -21.54
C GLY D 325 -16.67 -30.51 -22.50
N ALA D 326 -16.72 -29.29 -21.96
CA ALA D 326 -16.61 -28.10 -22.80
C ALA D 326 -15.30 -28.06 -23.56
N PHE D 327 -14.25 -28.73 -23.07
CA PHE D 327 -13.02 -28.81 -23.83
C PHE D 327 -13.07 -29.94 -24.87
N ILE D 328 -13.32 -31.16 -24.41
CA ILE D 328 -13.17 -32.34 -25.28
C ILE D 328 -14.28 -32.37 -26.33
N LEU D 329 -15.53 -32.32 -25.90
CA LEU D 329 -16.65 -32.46 -26.84
C LEU D 329 -16.68 -31.36 -27.88
N CYS D 330 -15.81 -30.35 -27.77
CA CYS D 330 -15.72 -29.29 -28.76
C CYS D 330 -14.41 -29.26 -29.51
N TRP D 331 -13.34 -29.85 -28.97
CA TRP D 331 -12.06 -29.85 -29.67
C TRP D 331 -11.69 -31.19 -30.29
N LEU D 332 -12.18 -32.31 -29.75
CA LEU D 332 -11.75 -33.62 -30.21
C LEU D 332 -12.07 -33.91 -31.67
N PRO D 333 -13.31 -33.74 -32.16
CA PRO D 333 -13.62 -34.17 -33.53
C PRO D 333 -12.76 -33.48 -34.58
N PHE D 334 -12.39 -32.22 -34.36
CA PHE D 334 -11.53 -31.53 -35.31
C PHE D 334 -10.18 -32.24 -35.42
N PHE D 335 -9.59 -32.61 -34.28
CA PHE D 335 -8.30 -33.29 -34.32
C PHE D 335 -8.42 -34.72 -34.83
N LEU D 336 -9.55 -35.38 -34.58
CA LEU D 336 -9.77 -36.69 -35.18
C LEU D 336 -9.81 -36.60 -36.70
N TRP D 337 -10.50 -35.58 -37.23
CA TRP D 337 -10.46 -35.34 -38.66
C TRP D 337 -9.05 -35.03 -39.15
N TYR D 338 -8.32 -34.21 -38.40
CA TYR D 338 -6.97 -33.81 -38.77
C TYR D 338 -5.97 -34.95 -38.73
N VAL D 339 -6.24 -36.01 -37.97
CA VAL D 339 -5.28 -37.10 -37.82
C VAL D 339 -5.70 -38.32 -38.64
N SER D 340 -6.86 -38.90 -38.33
CA SER D 340 -7.20 -40.22 -38.85
C SER D 340 -7.40 -40.20 -40.36
N ILE D 341 -8.23 -39.28 -40.86
CA ILE D 341 -8.60 -39.31 -42.27
C ILE D 341 -7.43 -38.90 -43.16
N THR D 342 -6.69 -37.87 -42.75
CA THR D 342 -5.59 -37.38 -43.58
C THR D 342 -4.49 -38.43 -43.75
N MET D 343 -4.29 -39.28 -42.73
CA MET D 343 -3.28 -40.33 -42.82
C MET D 343 -3.70 -41.40 -43.83
N LEU D 353 -18.48 -29.70 -45.99
CA LEU D 353 -19.58 -29.25 -45.15
C LEU D 353 -19.28 -29.51 -43.68
N VAL D 354 -18.72 -30.68 -43.39
CA VAL D 354 -18.41 -31.04 -42.00
C VAL D 354 -17.31 -30.14 -41.45
N VAL D 355 -16.35 -29.75 -42.29
CA VAL D 355 -15.24 -28.91 -41.84
C VAL D 355 -15.77 -27.61 -41.25
N ASP D 356 -16.78 -27.01 -41.89
CA ASP D 356 -17.37 -25.79 -41.35
C ASP D 356 -17.96 -26.03 -39.97
N LEU D 357 -18.65 -27.15 -39.79
CA LEU D 357 -19.25 -27.46 -38.49
C LEU D 357 -18.16 -27.60 -37.41
N LEU D 358 -17.11 -28.36 -37.70
CA LEU D 358 -16.05 -28.54 -36.71
C LEU D 358 -15.37 -27.20 -36.38
N PHE D 359 -15.11 -26.38 -37.40
CA PHE D 359 -14.51 -25.08 -37.16
C PHE D 359 -15.40 -24.21 -36.30
N TRP D 360 -16.71 -24.25 -36.54
CA TRP D 360 -17.62 -23.43 -35.75
C TRP D 360 -17.75 -23.93 -34.32
N ILE D 361 -17.72 -25.24 -34.09
CA ILE D 361 -17.71 -25.73 -32.71
C ILE D 361 -16.42 -25.31 -32.00
N GLY D 362 -15.29 -25.37 -32.70
CA GLY D 362 -14.05 -24.90 -32.11
C GLY D 362 -14.10 -23.43 -31.75
N TYR D 363 -14.64 -22.61 -32.65
CA TYR D 363 -14.76 -21.17 -32.38
C TYR D 363 -15.72 -20.91 -31.22
N LEU D 364 -16.81 -21.68 -31.15
CA LEU D 364 -17.75 -21.53 -30.04
C LEU D 364 -17.10 -21.90 -28.72
N ASN D 365 -16.28 -22.96 -28.71
CA ASN D 365 -15.55 -23.31 -27.50
C ASN D 365 -14.59 -22.20 -27.09
N SER D 366 -13.89 -21.63 -28.07
CA SER D 366 -13.00 -20.51 -27.76
C SER D 366 -13.78 -19.33 -27.20
N SER D 367 -15.00 -19.11 -27.71
CA SER D 367 -15.82 -17.99 -27.24
C SER D 367 -16.31 -18.22 -25.81
N LEU D 368 -16.76 -19.43 -25.50
CA LEU D 368 -17.36 -19.70 -24.20
C LEU D 368 -16.36 -20.15 -23.14
N ASN D 369 -15.09 -20.32 -23.49
CA ASN D 369 -14.09 -20.59 -22.45
C ASN D 369 -13.96 -19.47 -21.43
N PRO D 370 -13.78 -18.20 -21.82
CA PRO D 370 -13.58 -17.15 -20.80
C PRO D 370 -14.77 -16.98 -19.86
N VAL D 371 -16.00 -17.12 -20.36
CA VAL D 371 -17.16 -16.87 -19.50
C VAL D 371 -17.23 -17.90 -18.39
N ILE D 372 -17.02 -19.18 -18.69
CA ILE D 372 -17.03 -20.20 -17.65
C ILE D 372 -15.80 -20.06 -16.75
N TYR D 373 -14.64 -19.73 -17.34
CA TYR D 373 -13.43 -19.61 -16.53
C TYR D 373 -13.47 -18.43 -15.59
N ALA D 374 -14.30 -17.42 -15.87
CA ALA D 374 -14.50 -16.31 -14.95
C ALA D 374 -15.68 -16.52 -14.01
N TYR D 375 -16.71 -17.26 -14.43
CA TYR D 375 -17.85 -17.50 -13.56
C TYR D 375 -17.55 -18.54 -12.50
N PHE D 376 -16.72 -19.53 -12.80
CA PHE D 376 -16.49 -20.63 -11.87
C PHE D 376 -15.82 -20.16 -10.60
N ASN D 377 -14.77 -19.33 -10.72
CA ASN D 377 -14.01 -18.94 -9.54
C ASN D 377 -14.65 -17.75 -8.83
N ARG D 378 -14.26 -17.57 -7.57
CA ARG D 378 -14.81 -16.52 -6.72
C ARG D 378 -14.28 -15.14 -7.09
N GLU D 379 -12.98 -15.05 -7.39
CA GLU D 379 -12.34 -13.76 -7.55
C GLU D 379 -12.85 -12.98 -8.77
N PHE D 380 -13.48 -13.65 -9.73
CA PHE D 380 -13.99 -12.99 -10.91
C PHE D 380 -15.50 -12.79 -10.90
N ARG D 381 -16.23 -13.46 -9.99
CA ARG D 381 -17.66 -13.22 -9.88
C ARG D 381 -17.94 -11.79 -9.44
N GLN D 382 -17.15 -11.27 -8.50
CA GLN D 382 -17.31 -9.87 -8.10
C GLN D 382 -17.02 -8.93 -9.26
N ALA D 383 -15.99 -9.25 -10.06
CA ALA D 383 -15.70 -8.42 -11.23
C ALA D 383 -16.84 -8.46 -12.23
N PHE D 384 -17.44 -9.63 -12.45
CA PHE D 384 -18.60 -9.72 -13.34
C PHE D 384 -19.77 -8.91 -12.81
N LYS D 385 -20.03 -8.98 -11.50
CA LYS D 385 -21.10 -8.19 -10.91
C LYS D 385 -20.84 -6.70 -11.07
N GLU D 386 -19.60 -6.27 -10.86
CA GLU D 386 -19.26 -4.86 -11.01
C GLU D 386 -19.40 -4.40 -12.46
N THR D 387 -19.01 -5.25 -13.42
CA THR D 387 -19.19 -4.91 -14.83
C THR D 387 -20.66 -4.81 -15.19
N LEU D 388 -21.48 -5.72 -14.66
CA LEU D 388 -22.92 -5.64 -14.89
C LEU D 388 -23.50 -4.36 -14.30
N GLN D 389 -23.03 -3.97 -13.12
CA GLN D 389 -23.46 -2.71 -12.52
C GLN D 389 -23.06 -1.52 -13.38
N ALA D 390 -21.84 -1.54 -13.92
CA ALA D 390 -21.35 -0.45 -14.75
C ALA D 390 -21.87 -0.50 -16.17
N ILE D 391 -22.58 -1.55 -16.56
CA ILE D 391 -23.13 -1.71 -17.90
C ILE D 391 -22.03 -1.62 -18.96
N VAL E 32 29.84 13.14 8.76
CA VAL E 32 30.06 12.54 7.45
C VAL E 32 31.32 13.11 6.82
N GLN E 33 32.06 12.27 6.09
CA GLN E 33 33.32 12.67 5.49
C GLN E 33 33.37 12.21 4.05
N LEU E 34 33.95 13.05 3.19
CA LEU E 34 34.19 12.73 1.79
C LEU E 34 35.69 12.82 1.52
N VAL E 35 36.28 11.74 1.02
CA VAL E 35 37.71 11.67 0.75
C VAL E 35 37.90 11.50 -0.75
N GLU E 36 38.69 12.39 -1.34
CA GLU E 36 38.96 12.38 -2.77
C GLU E 36 40.42 12.04 -3.01
N SER E 37 40.67 11.11 -3.92
CA SER E 37 42.02 10.67 -4.26
C SER E 37 42.20 10.65 -5.77
N GLY E 38 43.42 10.95 -6.20
CA GLY E 38 43.80 10.99 -7.59
C GLY E 38 44.55 12.27 -7.90
N GLY E 39 44.67 12.57 -9.19
CA GLY E 39 45.32 13.79 -9.63
C GLY E 39 46.83 13.62 -9.79
N GLY E 40 47.46 14.73 -10.18
CA GLY E 40 48.88 14.81 -10.43
C GLY E 40 49.16 15.46 -11.75
N LEU E 41 50.42 15.36 -12.19
CA LEU E 41 50.85 15.89 -13.48
C LEU E 41 51.13 14.74 -14.43
N VAL E 42 50.39 14.69 -15.53
CA VAL E 42 50.52 13.65 -16.54
C VAL E 42 50.51 14.28 -17.92
N GLN E 43 50.94 13.50 -18.91
CA GLN E 43 50.94 13.96 -20.28
C GLN E 43 49.50 14.11 -20.79
N PRO E 44 49.26 15.03 -21.72
CA PRO E 44 47.90 15.20 -22.25
C PRO E 44 47.47 14.00 -23.08
N GLY E 45 46.16 13.88 -23.25
CA GLY E 45 45.60 12.76 -23.99
C GLY E 45 45.78 11.42 -23.31
N GLY E 46 45.55 11.36 -22.00
CA GLY E 46 45.67 10.11 -21.28
C GLY E 46 44.43 9.76 -20.48
N SER E 47 44.54 8.75 -19.61
CA SER E 47 43.44 8.30 -18.77
C SER E 47 43.79 8.53 -17.31
N ARG E 48 42.87 9.14 -16.57
CA ARG E 48 43.09 9.44 -15.16
C ARG E 48 41.91 8.95 -14.33
N LYS E 49 42.22 8.37 -13.17
CA LYS E 49 41.23 7.81 -12.27
C LYS E 49 41.10 8.68 -11.04
N LEU E 50 39.88 9.09 -10.72
CA LEU E 50 39.59 9.84 -9.50
C LEU E 50 38.59 9.05 -8.66
N SER E 51 38.87 8.94 -7.36
CA SER E 51 38.03 8.17 -6.45
C SER E 51 37.46 9.07 -5.37
N CYS E 52 36.17 8.90 -5.08
CA CYS E 52 35.49 9.66 -4.03
C CYS E 52 34.82 8.67 -3.09
N SER E 53 35.29 8.63 -1.85
CA SER E 53 34.79 7.70 -0.84
C SER E 53 33.99 8.46 0.21
N ALA E 54 32.81 7.95 0.54
CA ALA E 54 31.95 8.54 1.55
C ALA E 54 31.96 7.67 2.80
N SER E 55 32.20 8.30 3.94
CA SER E 55 32.25 7.60 5.23
C SER E 55 31.45 8.39 6.25
N GLY E 56 30.27 7.88 6.61
CA GLY E 56 29.46 8.53 7.61
C GLY E 56 27.97 8.49 7.29
N PHE E 57 27.64 8.18 6.04
CA PHE E 57 26.23 8.14 5.63
C PHE E 57 26.08 7.11 4.53
N ALA E 58 24.85 6.65 4.34
CA ALA E 58 24.52 5.67 3.31
C ALA E 58 24.40 6.40 1.98
N PHE E 59 25.47 6.38 1.19
CA PHE E 59 25.48 7.08 -0.09
C PHE E 59 24.81 6.29 -1.20
N SER E 60 24.39 5.05 -0.93
CA SER E 60 23.71 4.26 -1.95
C SER E 60 22.41 4.94 -2.40
N SER E 61 21.63 5.45 -1.45
CA SER E 61 20.44 6.22 -1.77
C SER E 61 20.73 7.71 -1.83
N PHE E 62 21.74 8.07 -2.62
CA PHE E 62 22.18 9.45 -2.75
C PHE E 62 22.65 9.70 -4.17
N GLY E 63 22.12 10.74 -4.80
CA GLY E 63 22.69 11.20 -6.05
C GLY E 63 24.03 11.87 -5.81
N MET E 64 24.91 11.77 -6.80
CA MET E 64 26.25 12.33 -6.68
C MET E 64 26.57 13.20 -7.88
N HIS E 65 27.39 14.22 -7.65
CA HIS E 65 27.77 15.16 -8.69
C HIS E 65 29.28 15.36 -8.67
N TRP E 66 29.88 15.36 -9.87
CA TRP E 66 31.26 15.73 -10.07
C TRP E 66 31.30 17.12 -10.69
N VAL E 67 32.03 18.04 -10.05
CA VAL E 67 32.17 19.42 -10.49
C VAL E 67 33.65 19.76 -10.56
N ARG E 68 34.00 20.70 -11.43
CA ARG E 68 35.38 21.14 -11.60
C ARG E 68 35.49 22.64 -11.31
N GLN E 69 36.65 23.05 -10.80
CA GLN E 69 36.92 24.44 -10.45
C GLN E 69 38.28 24.82 -11.02
N ALA E 70 38.28 25.82 -11.90
CA ALA E 70 39.52 26.30 -12.51
C ALA E 70 40.29 27.17 -11.52
N PRO E 71 41.61 27.28 -11.69
CA PRO E 71 42.39 28.11 -10.75
C PRO E 71 41.98 29.57 -10.72
N GLU E 72 41.48 30.12 -11.84
CA GLU E 72 41.11 31.53 -11.91
C GLU E 72 39.68 31.74 -12.39
N LYS E 73 38.86 30.69 -12.40
CA LYS E 73 37.47 30.78 -12.81
C LYS E 73 36.59 30.13 -11.75
N GLY E 74 35.28 30.17 -11.98
CA GLY E 74 34.32 29.55 -11.08
C GLY E 74 34.14 28.07 -11.36
N LEU E 75 33.32 27.44 -10.52
CA LEU E 75 33.05 26.02 -10.68
C LEU E 75 32.27 25.75 -11.96
N GLU E 76 32.50 24.58 -12.54
CA GLU E 76 31.80 24.14 -13.74
C GLU E 76 31.31 22.72 -13.54
N TRP E 77 30.01 22.50 -13.74
CA TRP E 77 29.43 21.17 -13.57
C TRP E 77 30.00 20.21 -14.61
N VAL E 78 30.29 18.98 -14.16
CA VAL E 78 30.86 17.95 -15.02
C VAL E 78 29.89 16.80 -15.23
N ALA E 79 29.46 16.15 -14.15
CA ALA E 79 28.64 14.96 -14.30
C ALA E 79 27.74 14.76 -13.10
N TYR E 80 26.70 13.95 -13.29
CA TYR E 80 25.77 13.62 -12.22
C TYR E 80 25.27 12.19 -12.40
N ILE E 81 25.15 11.48 -11.29
CA ILE E 81 24.61 10.13 -11.27
C ILE E 81 23.49 10.07 -10.24
N SER E 82 22.37 9.46 -10.62
CA SER E 82 21.24 9.32 -9.72
C SER E 82 21.55 8.29 -8.63
N SER E 83 20.63 8.16 -7.68
CA SER E 83 20.82 7.21 -6.59
C SER E 83 20.87 5.77 -7.10
N GLY E 84 19.98 5.42 -8.03
CA GLY E 84 19.94 4.10 -8.59
C GLY E 84 20.77 3.89 -9.83
N SER E 85 21.54 4.89 -10.25
CA SER E 85 22.36 4.83 -11.46
C SER E 85 21.51 4.47 -12.69
N GLY E 86 20.30 5.03 -12.75
CA GLY E 86 19.41 4.78 -13.86
C GLY E 86 19.56 5.77 -14.99
N THR E 87 19.52 7.06 -14.66
CA THR E 87 19.69 8.14 -15.62
C THR E 87 21.02 8.80 -15.41
N ILE E 88 21.78 8.97 -16.49
CA ILE E 88 23.11 9.56 -16.46
C ILE E 88 23.11 10.80 -17.35
N TYR E 89 23.59 11.91 -16.80
CA TYR E 89 23.66 13.18 -17.53
C TYR E 89 25.10 13.68 -17.54
N TYR E 90 25.44 14.41 -18.61
CA TYR E 90 26.80 14.86 -18.83
C TYR E 90 26.80 16.35 -19.19
N ALA E 91 27.94 16.99 -18.93
CA ALA E 91 28.11 18.39 -19.30
C ALA E 91 28.14 18.53 -20.81
N ASP E 92 27.58 19.64 -21.29
CA ASP E 92 27.52 19.87 -22.74
C ASP E 92 28.90 20.14 -23.33
N THR E 93 29.82 20.73 -22.55
CA THR E 93 31.13 21.05 -23.07
C THR E 93 31.92 19.79 -23.42
N VAL E 94 31.90 18.77 -22.55
CA VAL E 94 32.57 17.51 -22.78
C VAL E 94 31.61 16.38 -22.47
N LYS E 95 31.32 15.54 -23.45
CA LYS E 95 30.40 14.42 -23.29
C LYS E 95 31.06 13.08 -23.53
N GLY E 96 31.79 12.93 -24.63
CA GLY E 96 32.38 11.66 -24.99
C GLY E 96 33.75 11.37 -24.43
N ARG E 97 34.29 12.24 -23.58
CA ARG E 97 35.62 12.08 -23.01
C ARG E 97 35.57 12.05 -21.48
N PHE E 98 34.49 11.48 -20.94
CA PHE E 98 34.33 11.38 -19.49
C PHE E 98 33.56 10.11 -19.18
N THR E 99 33.90 9.47 -18.07
CA THR E 99 33.13 8.33 -17.58
C THR E 99 32.97 8.47 -16.07
N ILE E 100 31.84 7.99 -15.55
CA ILE E 100 31.57 8.09 -14.12
C ILE E 100 30.74 6.88 -13.70
N SER E 101 31.09 6.29 -12.56
CA SER E 101 30.36 5.15 -12.03
C SER E 101 30.49 5.15 -10.51
N ARG E 102 29.65 4.35 -9.86
CA ARG E 102 29.67 4.24 -8.41
C ARG E 102 29.57 2.76 -8.02
N ASP E 103 30.05 2.47 -6.81
CA ASP E 103 30.03 1.11 -6.28
C ASP E 103 29.59 1.20 -4.82
N ASP E 104 28.31 0.91 -4.56
CA ASP E 104 27.79 0.99 -3.20
C ASP E 104 28.49 0.05 -2.23
N PRO E 105 28.71 -1.24 -2.54
CA PRO E 105 29.44 -2.10 -1.60
C PRO E 105 30.85 -1.60 -1.29
N LYS E 106 31.54 -1.00 -2.27
CA LYS E 106 32.87 -0.48 -2.05
C LYS E 106 32.88 0.88 -1.37
N ASN E 107 31.74 1.55 -1.28
CA ASN E 107 31.63 2.87 -0.65
C ASN E 107 32.57 3.87 -1.31
N THR E 108 32.73 3.76 -2.63
CA THR E 108 33.61 4.64 -3.38
C THR E 108 33.14 4.71 -4.82
N LEU E 109 33.10 5.91 -5.37
CA LEU E 109 32.71 6.13 -6.75
C LEU E 109 33.92 6.59 -7.57
N PHE E 110 33.94 6.20 -8.83
CA PHE E 110 35.09 6.38 -9.70
C PHE E 110 34.74 7.26 -10.89
N LEU E 111 35.73 8.05 -11.33
CA LEU E 111 35.61 8.92 -12.48
C LEU E 111 36.83 8.73 -13.38
N GLN E 112 36.57 8.50 -14.67
CA GLN E 112 37.57 8.13 -15.66
C GLN E 112 37.72 9.24 -16.69
N MET E 113 38.96 9.64 -16.93
CA MET E 113 39.31 10.63 -17.96
C MET E 113 40.05 9.93 -19.08
N THR E 114 39.58 10.12 -20.32
CA THR E 114 40.24 9.57 -21.50
C THR E 114 40.47 10.68 -22.50
N SER E 115 41.66 10.69 -23.11
CA SER E 115 42.03 11.68 -24.13
C SER E 115 41.79 13.10 -23.64
N LEU E 116 42.17 13.36 -22.39
CA LEU E 116 41.99 14.67 -21.79
C LEU E 116 42.90 15.70 -22.45
N ARG E 117 42.40 16.93 -22.53
CA ARG E 117 43.16 18.03 -23.09
C ARG E 117 43.97 18.72 -21.99
N SER E 118 44.60 19.84 -22.32
CA SER E 118 45.40 20.60 -21.37
C SER E 118 44.59 21.65 -20.63
N GLU E 119 43.31 21.82 -20.95
CA GLU E 119 42.47 22.80 -20.30
C GLU E 119 41.92 22.33 -18.96
N ASP E 120 42.06 21.05 -18.64
CA ASP E 120 41.53 20.51 -17.38
C ASP E 120 42.58 20.54 -16.27
N THR E 121 43.18 21.70 -16.05
CA THR E 121 44.09 21.91 -14.92
C THR E 121 43.34 22.42 -13.70
N ALA E 122 42.33 21.66 -13.28
CA ALA E 122 41.34 22.11 -12.33
C ALA E 122 41.34 21.23 -11.08
N MET E 123 40.57 21.68 -10.08
CA MET E 123 40.37 20.91 -8.86
C MET E 123 38.94 20.42 -8.82
N TYR E 124 38.77 19.13 -8.54
CA TYR E 124 37.48 18.45 -8.66
C TYR E 124 36.83 18.27 -7.30
N TYR E 125 35.51 18.45 -7.26
CA TYR E 125 34.69 18.28 -6.08
C TYR E 125 33.63 17.22 -6.36
N CYS E 126 33.51 16.25 -5.46
CA CYS E 126 32.42 15.27 -5.50
C CYS E 126 31.45 15.60 -4.38
N VAL E 127 30.19 15.80 -4.73
CA VAL E 127 29.18 16.25 -3.78
C VAL E 127 27.99 15.30 -3.80
N ARG E 128 27.27 15.28 -2.69
CA ARG E 128 26.07 14.47 -2.52
C ARG E 128 24.82 15.32 -2.63
N SER E 129 23.72 14.68 -3.01
CA SER E 129 22.44 15.36 -3.15
C SER E 129 21.33 14.32 -3.14
N ILE E 130 20.38 14.48 -2.21
CA ILE E 130 19.23 13.58 -2.08
C ILE E 130 18.00 14.35 -2.54
N TYR E 131 17.20 13.72 -3.39
CA TYR E 131 16.06 14.36 -4.03
C TYR E 131 14.76 13.76 -3.52
N TYR E 132 13.97 14.57 -2.83
CA TYR E 132 12.58 14.25 -2.49
C TYR E 132 11.87 15.56 -2.18
N TYR E 133 10.65 15.46 -1.66
CA TYR E 133 9.88 16.67 -1.36
C TYR E 133 10.46 17.36 -0.13
N GLY E 134 10.83 18.63 -0.29
CA GLY E 134 11.44 19.38 0.78
C GLY E 134 12.82 18.88 1.18
N SER E 135 13.63 18.48 0.19
CA SER E 135 14.97 17.99 0.45
C SER E 135 15.97 19.13 0.37
N SER E 136 17.24 18.82 0.61
CA SER E 136 18.33 19.79 0.58
C SER E 136 19.43 19.26 -0.35
N PRO E 137 19.26 19.41 -1.65
CA PRO E 137 20.29 18.95 -2.59
C PRO E 137 21.58 19.73 -2.42
N PHE E 138 22.69 19.05 -2.74
CA PHE E 138 24.04 19.63 -2.64
C PHE E 138 24.32 20.07 -1.20
N ASP E 139 23.91 19.25 -0.23
CA ASP E 139 24.08 19.61 1.17
C ASP E 139 25.55 19.66 1.57
N PHE E 140 26.33 18.65 1.14
CA PHE E 140 27.73 18.53 1.53
C PHE E 140 28.61 18.53 0.29
N TRP E 141 29.74 19.23 0.39
CA TRP E 141 30.71 19.32 -0.70
C TRP E 141 32.02 18.68 -0.28
N GLY E 142 32.62 17.92 -1.19
CA GLY E 142 33.88 17.26 -0.90
C GLY E 142 35.04 18.23 -0.84
N GLN E 143 36.16 17.72 -0.31
CA GLN E 143 37.35 18.56 -0.18
C GLN E 143 37.90 18.99 -1.54
N GLY E 144 37.92 18.07 -2.50
CA GLY E 144 38.40 18.39 -3.84
C GLY E 144 39.86 18.05 -4.05
N THR E 145 40.17 17.43 -5.19
CA THR E 145 41.53 17.04 -5.52
C THR E 145 41.97 17.74 -6.80
N THR E 146 43.20 18.25 -6.80
CA THR E 146 43.70 18.97 -7.96
C THR E 146 44.26 18.02 -9.01
N LEU E 147 44.17 18.44 -10.27
CA LEU E 147 44.72 17.67 -11.38
C LEU E 147 45.07 18.63 -12.50
N THR E 148 46.27 18.47 -13.05
CA THR E 148 46.79 19.36 -14.08
C THR E 148 47.43 18.54 -15.19
N VAL E 149 47.51 19.14 -16.37
CA VAL E 149 48.12 18.49 -17.52
C VAL E 149 49.64 18.42 -17.35
N SER E 166 20.67 28.53 -25.95
CA SER E 166 20.89 27.09 -25.85
C SER E 166 20.86 26.63 -24.40
N ASP E 167 21.61 27.32 -23.54
CA ASP E 167 21.69 27.00 -22.13
C ASP E 167 21.52 28.27 -21.30
N ILE E 168 20.98 28.10 -20.09
CA ILE E 168 20.77 29.24 -19.21
C ILE E 168 22.11 29.69 -18.65
N VAL E 169 22.39 30.99 -18.76
CA VAL E 169 23.64 31.57 -18.26
C VAL E 169 23.32 32.71 -17.31
N MET E 170 24.27 32.98 -16.42
CA MET E 170 24.16 34.05 -15.43
C MET E 170 25.28 35.04 -15.64
N THR E 171 24.96 36.33 -15.55
CA THR E 171 25.92 37.42 -15.70
C THR E 171 25.93 38.22 -14.40
N GLN E 172 26.94 37.98 -13.56
CA GLN E 172 27.10 38.73 -12.32
C GLN E 172 27.99 39.94 -12.62
N ALA E 173 27.36 41.11 -12.74
CA ALA E 173 28.11 42.31 -13.08
C ALA E 173 29.10 42.68 -11.99
N THR E 174 28.68 42.60 -10.73
CA THR E 174 29.56 42.96 -9.62
C THR E 174 30.69 41.95 -9.48
N SER E 175 31.90 42.45 -9.24
CA SER E 175 33.08 41.61 -9.09
C SER E 175 33.70 41.73 -7.71
N SER E 176 33.99 42.95 -7.25
CA SER E 176 34.61 43.16 -5.94
C SER E 176 34.04 44.44 -5.35
N VAL E 177 33.21 44.30 -4.32
CA VAL E 177 32.61 45.45 -3.64
C VAL E 177 33.03 45.45 -2.18
N PRO E 178 33.82 46.42 -1.74
CA PRO E 178 34.21 46.48 -0.33
C PRO E 178 33.01 46.73 0.57
N VAL E 179 33.08 46.20 1.79
CA VAL E 179 32.01 46.32 2.76
C VAL E 179 32.60 46.73 4.10
N THR E 180 31.74 47.30 4.95
CA THR E 180 32.11 47.75 6.28
C THR E 180 31.46 46.88 7.34
N PRO E 181 32.09 46.73 8.51
CA PRO E 181 31.49 45.93 9.58
C PRO E 181 30.15 46.50 10.02
N GLY E 182 29.23 45.61 10.35
CA GLY E 182 27.90 46.03 10.78
C GLY E 182 27.11 46.77 9.72
N GLU E 183 27.18 46.31 8.47
CA GLU E 183 26.48 46.95 7.37
C GLU E 183 25.78 45.88 6.54
N SER E 184 24.59 46.20 6.04
CA SER E 184 23.84 45.27 5.19
C SER E 184 24.54 45.12 3.85
N VAL E 185 24.58 43.89 3.36
CA VAL E 185 25.22 43.55 2.09
C VAL E 185 24.17 42.96 1.17
N SER E 186 24.14 43.45 -0.08
CA SER E 186 23.19 43.01 -1.08
C SER E 186 23.94 42.40 -2.25
N ILE E 187 23.54 41.19 -2.64
CA ILE E 187 24.13 40.49 -3.78
C ILE E 187 23.01 40.18 -4.77
N SER E 188 23.35 40.16 -6.06
CA SER E 188 22.37 40.00 -7.12
C SER E 188 22.78 38.90 -8.08
N CYS E 189 21.80 38.12 -8.53
CA CYS E 189 21.97 37.12 -9.58
C CYS E 189 20.89 37.33 -10.63
N ARG E 190 21.29 37.23 -11.90
CA ARG E 190 20.38 37.43 -13.02
C ARG E 190 20.34 36.17 -13.87
N SER E 191 19.13 35.75 -14.24
CA SER E 191 18.91 34.56 -15.04
C SER E 191 18.22 34.95 -16.34
N SER E 192 18.76 34.47 -17.46
CA SER E 192 18.16 34.77 -18.75
C SER E 192 16.79 34.11 -18.90
N LYS E 193 16.65 32.89 -18.41
CA LYS E 193 15.41 32.14 -18.49
C LYS E 193 14.68 32.18 -17.15
N SER E 194 13.36 32.26 -17.20
CA SER E 194 12.56 32.29 -15.99
C SER E 194 12.72 30.99 -15.21
N LEU E 195 12.90 31.12 -13.89
CA LEU E 195 13.10 29.98 -13.02
C LEU E 195 11.83 29.53 -12.31
N LEU E 196 10.68 30.11 -12.66
CA LEU E 196 9.42 29.76 -12.03
C LEU E 196 8.77 28.62 -12.81
N HIS E 197 8.48 27.52 -12.11
CA HIS E 197 7.85 26.36 -12.71
C HIS E 197 6.36 26.35 -12.40
N SER E 198 5.65 25.38 -12.96
CA SER E 198 4.21 25.26 -12.71
C SER E 198 3.92 24.89 -11.26
N ASN E 199 4.84 24.16 -10.62
CA ASN E 199 4.63 23.79 -9.22
C ASN E 199 4.63 25.02 -8.33
N GLY E 200 5.51 25.98 -8.60
CA GLY E 200 5.60 27.21 -7.83
C GLY E 200 6.89 27.38 -7.06
N ASN E 201 7.85 26.48 -7.22
CA ASN E 201 9.13 26.57 -6.53
C ASN E 201 10.23 26.90 -7.53
N THR E 202 11.04 27.91 -7.21
CA THR E 202 12.15 28.32 -8.06
C THR E 202 13.40 27.53 -7.69
N TYR E 203 14.01 26.89 -8.69
CA TYR E 203 15.18 26.04 -8.47
C TYR E 203 16.44 26.89 -8.57
N LEU E 204 16.75 27.58 -7.48
CA LEU E 204 17.97 28.37 -7.38
C LEU E 204 18.68 28.06 -6.06
N TYR E 205 20.00 28.05 -6.10
CA TYR E 205 20.82 27.65 -4.96
C TYR E 205 21.99 28.61 -4.81
N TRP E 206 22.49 28.71 -3.58
CA TRP E 206 23.62 29.56 -3.24
C TRP E 206 24.72 28.72 -2.62
N PHE E 207 25.95 28.92 -3.08
CA PHE E 207 27.10 28.10 -2.72
C PHE E 207 28.31 28.95 -2.39
N LEU E 208 28.12 29.93 -1.50
CA LEU E 208 29.17 30.84 -1.10
C LEU E 208 30.47 30.10 -0.77
N GLN E 209 31.53 30.43 -1.51
CA GLN E 209 32.82 29.80 -1.35
C GLN E 209 33.62 30.50 -0.26
N ARG E 210 33.96 29.76 0.79
CA ARG E 210 34.91 30.25 1.76
C ARG E 210 36.31 30.30 1.13
N PRO E 211 37.14 31.26 1.52
CA PRO E 211 38.45 31.41 0.85
C PRO E 211 39.47 30.36 1.28
N GLY E 212 39.39 29.19 0.65
CA GLY E 212 40.37 28.14 0.88
C GLY E 212 39.80 26.74 0.99
N GLN E 213 38.57 26.62 1.48
CA GLN E 213 37.94 25.31 1.68
C GLN E 213 36.77 25.14 0.71
N SER E 214 36.06 24.02 0.88
CA SER E 214 35.00 23.64 -0.03
C SER E 214 33.79 24.57 0.12
N PRO E 215 32.95 24.66 -0.91
CA PRO E 215 31.74 25.50 -0.81
C PRO E 215 30.77 24.96 0.24
N GLN E 216 30.03 25.87 0.84
CA GLN E 216 29.01 25.55 1.83
C GLN E 216 27.66 26.01 1.33
N LEU E 217 26.67 25.13 1.38
CA LEU E 217 25.31 25.47 0.97
C LEU E 217 24.71 26.44 1.97
N LEU E 218 24.12 27.53 1.47
CA LEU E 218 23.51 28.54 2.32
C LEU E 218 21.99 28.60 2.16
N ILE E 219 21.50 28.90 0.96
CA ILE E 219 20.08 28.95 0.65
C ILE E 219 19.79 27.95 -0.45
N TYR E 220 18.75 27.14 -0.25
CA TYR E 220 18.28 26.21 -1.27
C TYR E 220 16.84 26.53 -1.62
N ARG E 221 16.55 26.53 -2.93
CA ARG E 221 15.25 26.87 -3.50
C ARG E 221 14.87 28.32 -3.24
N MET E 222 15.84 29.16 -2.89
CA MET E 222 15.70 30.62 -2.84
C MET E 222 14.84 31.08 -1.66
N SER E 223 14.18 30.16 -1.00
CA SER E 223 13.29 30.55 0.10
C SER E 223 13.56 29.79 1.39
N ASN E 224 13.92 28.52 1.30
CA ASN E 224 14.09 27.70 2.49
C ASN E 224 15.41 28.00 3.19
N LEU E 225 15.54 27.50 4.42
CA LEU E 225 16.69 27.76 5.27
C LEU E 225 17.46 26.47 5.48
N ALA E 226 18.78 26.53 5.26
CA ALA E 226 19.60 25.34 5.37
C ALA E 226 19.79 24.95 6.84
N SER E 227 20.35 23.75 7.04
CA SER E 227 20.53 23.21 8.39
C SER E 227 21.48 24.06 9.22
N GLY E 228 22.75 24.14 8.81
CA GLY E 228 23.72 24.94 9.53
C GLY E 228 24.12 26.19 8.79
N VAL E 229 23.57 27.33 9.20
CA VAL E 229 23.88 28.63 8.60
C VAL E 229 23.29 29.73 9.48
N PRO E 230 24.01 30.83 9.70
CA PRO E 230 23.44 31.93 10.49
C PRO E 230 22.14 32.46 9.88
N ASP E 231 21.22 32.87 10.75
CA ASP E 231 19.92 33.35 10.32
C ASP E 231 19.97 34.72 9.67
N ARG E 232 21.10 35.42 9.75
CA ARG E 232 21.21 36.74 9.13
C ARG E 232 21.06 36.68 7.62
N PHE E 233 21.43 35.56 7.02
CA PHE E 233 21.32 35.40 5.57
C PHE E 233 19.85 35.34 5.16
N SER E 234 19.53 36.04 4.07
CA SER E 234 18.17 35.99 3.55
C SER E 234 18.21 36.07 2.02
N GLY E 235 17.20 35.48 1.39
CA GLY E 235 17.11 35.49 -0.06
C GLY E 235 15.71 35.83 -0.51
N SER E 236 15.62 36.51 -1.64
CA SER E 236 14.34 36.91 -2.20
C SER E 236 14.49 37.05 -3.71
N GLY E 237 13.38 37.32 -4.38
CA GLY E 237 13.40 37.52 -5.82
C GLY E 237 12.00 37.43 -6.39
N SER E 238 11.95 37.45 -7.73
CA SER E 238 10.69 37.39 -8.45
C SER E 238 10.69 36.40 -9.60
N GLY E 239 11.84 35.85 -9.99
CA GLY E 239 11.89 34.90 -11.08
C GLY E 239 13.04 35.15 -12.04
N THR E 240 13.41 36.42 -12.21
CA THR E 240 14.51 36.81 -13.08
C THR E 240 15.70 37.37 -12.32
N ALA E 241 15.47 38.21 -11.31
CA ALA E 241 16.53 38.77 -10.49
C ALA E 241 16.37 38.27 -9.07
N PHE E 242 17.44 37.72 -8.50
CA PHE E 242 17.44 37.17 -7.16
C PHE E 242 18.42 37.92 -6.29
N THR E 243 17.99 38.28 -5.08
CA THR E 243 18.75 39.13 -4.18
C THR E 243 19.06 38.41 -2.88
N LEU E 244 20.31 38.51 -2.44
CA LEU E 244 20.76 38.04 -1.13
C LEU E 244 20.98 39.23 -0.23
N THR E 245 20.40 39.18 0.97
CA THR E 245 20.53 40.23 1.97
C THR E 245 21.25 39.69 3.19
N ILE E 246 22.26 40.43 3.64
CA ILE E 246 23.03 40.08 4.83
C ILE E 246 22.94 41.23 5.81
N SER E 247 22.54 40.94 7.05
CA SER E 247 22.42 41.97 8.08
C SER E 247 23.77 42.29 8.71
N ARG E 248 24.41 41.27 9.30
CA ARG E 248 25.70 41.42 9.94
C ARG E 248 26.68 40.42 9.36
N LEU E 249 27.96 40.80 9.36
CA LEU E 249 29.03 39.96 8.83
C LEU E 249 30.15 39.83 9.86
N GLU E 250 30.92 38.76 9.72
CA GLU E 250 32.04 38.48 10.61
C GLU E 250 33.17 37.89 9.78
N ALA E 251 34.18 37.34 10.46
CA ALA E 251 35.31 36.73 9.76
C ALA E 251 34.86 35.51 8.97
N GLU E 252 33.96 34.70 9.53
CA GLU E 252 33.49 33.52 8.82
C GLU E 252 32.62 33.89 7.63
N ASP E 253 32.00 35.07 7.65
CA ASP E 253 31.12 35.48 6.56
C ASP E 253 31.89 35.89 5.31
N VAL E 254 33.21 36.04 5.39
CA VAL E 254 33.99 36.44 4.22
C VAL E 254 34.05 35.29 3.23
N GLY E 255 33.71 35.58 1.99
CA GLY E 255 33.72 34.55 0.95
C GLY E 255 33.22 35.09 -0.35
N VAL E 256 33.10 34.18 -1.33
CA VAL E 256 32.61 34.51 -2.66
C VAL E 256 31.35 33.68 -2.92
N TYR E 257 30.27 34.35 -3.31
CA TYR E 257 28.96 33.73 -3.44
C TYR E 257 28.73 33.28 -4.87
N TYR E 258 28.24 32.05 -5.03
CA TYR E 258 27.99 31.45 -6.34
C TYR E 258 26.51 31.18 -6.51
N CYS E 259 26.05 31.26 -7.75
CA CYS E 259 24.65 31.15 -8.11
C CYS E 259 24.43 29.87 -8.91
N MET E 260 23.40 29.10 -8.54
CA MET E 260 23.11 27.83 -9.17
C MET E 260 21.66 27.76 -9.62
N GLN E 261 21.43 27.22 -10.81
CA GLN E 261 20.10 26.93 -11.32
C GLN E 261 19.93 25.41 -11.45
N HIS E 262 18.68 24.96 -11.34
CA HIS E 262 18.41 23.53 -11.39
C HIS E 262 17.15 23.18 -12.19
N LEU E 263 16.60 24.13 -12.97
CA LEU E 263 15.39 23.84 -13.74
C LEU E 263 15.68 22.85 -14.85
N GLU E 264 16.72 23.12 -15.64
CA GLU E 264 17.15 22.25 -16.72
C GLU E 264 18.47 21.58 -16.34
N TYR E 265 19.05 20.86 -17.29
CA TYR E 265 20.30 20.17 -16.96
C TYR E 265 21.45 20.60 -17.85
N PRO E 266 21.53 21.88 -18.24
CA PRO E 266 22.84 22.47 -18.47
C PRO E 266 23.69 22.52 -17.21
N LEU E 267 23.07 22.86 -16.07
CA LEU E 267 23.76 23.00 -14.79
C LEU E 267 24.92 23.99 -14.89
N THR E 268 24.62 25.17 -15.43
CA THR E 268 25.63 26.21 -15.59
C THR E 268 25.70 27.08 -14.35
N PHE E 269 26.92 27.36 -13.89
CA PHE E 269 27.15 28.22 -12.74
C PHE E 269 27.23 29.69 -13.16
N GLY E 270 27.46 30.55 -12.18
CA GLY E 270 27.58 31.97 -12.38
C GLY E 270 29.03 32.43 -12.41
N ALA E 271 29.25 33.67 -11.99
CA ALA E 271 30.57 34.28 -11.99
C ALA E 271 31.15 34.41 -10.58
N GLY E 272 30.36 34.92 -9.64
CA GLY E 272 30.83 35.09 -8.28
C GLY E 272 31.16 36.53 -7.97
N THR E 273 31.05 36.89 -6.68
CA THR E 273 31.32 38.25 -6.21
C THR E 273 32.27 38.18 -5.04
N LYS E 274 33.32 38.99 -5.09
CA LYS E 274 34.33 39.04 -4.03
C LYS E 274 34.03 40.19 -3.08
N LEU E 275 34.26 39.95 -1.79
CA LEU E 275 34.08 40.96 -0.76
C LEU E 275 35.30 40.99 0.14
N GLU E 276 35.67 42.19 0.58
CA GLU E 276 36.81 42.38 1.46
C GLU E 276 36.43 43.32 2.60
N LEU E 277 37.06 43.11 3.75
CA LEU E 277 36.79 43.91 4.94
C LEU E 277 37.95 44.86 5.23
#